data_7LST
#
_entry.id   7LST
#
_cell.length_a   46.981
_cell.length_b   99.107
_cell.length_c   167.236
_cell.angle_alpha   90.000
_cell.angle_beta   90.000
_cell.angle_gamma   90.000
#
_symmetry.space_group_name_H-M   'P 21 21 21'
#
loop_
_entity.id
_entity.type
_entity.pdbx_description
1 polymer Pullulanase
2 branched alpha-D-glucopyranose-(1-4)-alpha-D-glucopyranose-(1-4)-beta-D-glucopyranose
3 non-polymer GLYCEROL
4 non-polymer 'ACETATE ION'
5 non-polymer 'CALCIUM ION'
6 non-polymer 'SODIUM ION'
7 water water
#
_entity_poly.entity_id   1
_entity_poly.type   'polypeptide(L)'
_entity_poly.pdbx_seq_one_letter_code
;MRTTKKIVSAVLAACMLASTAVVSSFAATADDSSAVSSDYARDNSYTKAAEDIDAQYAYSGNDLGVTYTKDATTFKVWSP
TATGVKLNIFTKGSDDEQGASKVASYTLEKMLVDGEWNGVWTITLVGEWKDYYYTYSVTTTDTTHIGSDATKTYETQDVY
STATGVNGKRSMIVDLDETDPEGWSNDSHVLLDKSTKSSVWELHIKDFSYDKASGVSDANRGKYLAFTENGTTLNGEGKV
STCIDYLKELGVTTVQLNPFYDFQSVNEAGDDSQFNWGYDPVNYNVPEGSYSSNPYDGKVRIKECKEMIKALHDAGISVV
MDVVYNHTYSTDSCFQYTVPNYYYRMKTTGAFSDGSGCGNEGATERAMYRQYVIDSLKYWVNEYHVDGFRFALMGLMDVE
TMNMAREALDQIDPRITMWGEGWAGGDSYHPTNTCSGTKFYPATQANASRLSDRIAIFNDGIRDGIKGSAMDISDVGFIQ
GSKSSAKGVSYGVRANSSGTYKWKAQAPSQCVTYDACHDNATLYDQIIASTGLADYGERNSEAVKMNRLASAIIYTSQGI
SFTLAGEEMARSKDGDTNSYKSAANLNMIKWQNVVDYADVVSYYKGMMQIKSAFSPLTAMDNSYADKYTFTKKVSASTNQ
ISFTIQNDVEGEWNKMAVIYNNATTAADVTLSDTSVTDWVVIANGETAGLDSLGEVTGSTFTVPARSAIVAVDKAGYESA
GIHSSKGKVKVNYVYEATGEKLEDSVILQGSVGSGYVTVPSAVIPDTYIVSRIGGNAEGKYTSDMQEVTYYYTDYIPESL
;
_entity_poly.pdbx_strand_id   A
#
loop_
_chem_comp.id
_chem_comp.type
_chem_comp.name
_chem_comp.formula
ACT non-polymer 'ACETATE ION' 'C2 H3 O2 -1'
BGC D-saccharide, beta linking beta-D-glucopyranose 'C6 H12 O6'
CA non-polymer 'CALCIUM ION' 'Ca 2'
GLC D-saccharide, alpha linking alpha-D-glucopyranose 'C6 H12 O6'
GOL non-polymer GLYCEROL 'C3 H8 O3'
NA non-polymer 'SODIUM ION' 'Na 1'
#
# COMPACT_ATOMS: atom_id res chain seq x y z
N SER A 37 -11.04 8.08 -19.20
CA SER A 37 -9.86 8.25 -20.10
C SER A 37 -9.52 9.73 -20.28
N SER A 38 -10.54 10.57 -20.50
CA SER A 38 -10.37 12.01 -20.73
C SER A 38 -10.96 12.81 -19.56
N ASP A 39 -10.47 14.05 -19.38
CA ASP A 39 -11.07 15.04 -18.49
C ASP A 39 -11.51 16.23 -19.34
N TYR A 40 -12.61 16.87 -18.92
CA TYR A 40 -13.20 17.98 -19.65
C TYR A 40 -13.47 19.13 -18.69
N ALA A 41 -13.05 20.34 -19.10
CA ALA A 41 -13.46 21.58 -18.46
C ALA A 41 -14.80 22.02 -19.06
N ARG A 42 -15.86 21.94 -18.23
CA ARG A 42 -17.19 22.42 -18.60
C ARG A 42 -17.78 23.18 -17.40
N ASP A 43 -18.08 24.46 -17.62
CA ASP A 43 -18.72 25.30 -16.63
C ASP A 43 -20.22 25.31 -16.92
N ASN A 44 -21.03 25.24 -15.86
CA ASN A 44 -22.47 25.16 -15.99
C ASN A 44 -23.11 25.75 -14.73
N SER A 45 -24.45 25.71 -14.67
CA SER A 45 -25.22 26.26 -13.56
C SER A 45 -24.73 25.70 -12.21
N TYR A 46 -24.38 24.41 -12.18
CA TYR A 46 -23.97 23.73 -10.94
C TYR A 46 -22.64 24.29 -10.42
N THR A 47 -21.67 24.47 -11.33
CA THR A 47 -20.31 24.89 -10.97
C THR A 47 -20.34 26.36 -10.53
N LYS A 48 -21.08 27.19 -11.28
CA LYS A 48 -21.18 28.63 -10.99
C LYS A 48 -21.84 28.84 -9.62
N ALA A 49 -22.87 28.03 -9.33
CA ALA A 49 -23.60 28.08 -8.05
C ALA A 49 -22.66 27.72 -6.90
N ALA A 50 -21.90 26.63 -7.07
CA ALA A 50 -20.96 26.15 -6.07
C ALA A 50 -19.85 27.18 -5.84
N GLU A 51 -19.39 27.82 -6.92
CA GLU A 51 -18.34 28.84 -6.86
C GLU A 51 -18.87 30.07 -6.10
N ASP A 52 -20.14 30.41 -6.30
CA ASP A 52 -20.79 31.53 -5.62
C ASP A 52 -20.90 31.22 -4.12
N ILE A 53 -21.21 29.95 -3.80
CA ILE A 53 -21.36 29.50 -2.42
C ILE A 53 -20.00 29.62 -1.69
N ASP A 54 -18.91 29.29 -2.39
CA ASP A 54 -17.55 29.37 -1.83
C ASP A 54 -17.20 30.84 -1.56
N ALA A 55 -17.44 31.71 -2.54
CA ALA A 55 -17.16 33.14 -2.45
C ALA A 55 -17.83 33.74 -1.21
N GLN A 56 -19.04 33.29 -0.86
CA GLN A 56 -19.83 33.89 0.24
C GLN A 56 -19.65 33.12 1.55
N TYR A 57 -19.67 31.79 1.50
CA TYR A 57 -19.91 30.96 2.69
C TYR A 57 -18.72 30.05 3.07
N ALA A 58 -17.63 30.04 2.29
CA ALA A 58 -16.48 29.19 2.62
C ALA A 58 -16.07 29.44 4.08
N TYR A 59 -16.01 28.35 4.87
CA TYR A 59 -15.78 28.42 6.30
C TYR A 59 -14.44 27.75 6.64
N SER A 60 -13.47 28.57 7.08
CA SER A 60 -12.11 28.12 7.38
C SER A 60 -11.99 27.70 8.84
N GLY A 61 -13.07 27.87 9.61
CA GLY A 61 -13.11 27.45 11.00
C GLY A 61 -12.65 26.01 11.17
N ASN A 62 -12.33 25.67 12.43
CA ASN A 62 -11.59 24.48 12.77
C ASN A 62 -12.51 23.46 13.46
N ASP A 63 -13.80 23.79 13.58
CA ASP A 63 -14.65 23.25 14.65
C ASP A 63 -15.94 22.63 14.09
N LEU A 64 -15.99 22.31 12.80
CA LEU A 64 -17.15 21.60 12.24
C LEU A 64 -17.19 20.19 12.83
N GLY A 65 -18.42 19.70 13.07
CA GLY A 65 -18.65 18.48 13.83
C GLY A 65 -18.83 18.77 15.30
N VAL A 66 -18.28 17.90 16.16
CA VAL A 66 -18.51 17.94 17.61
C VAL A 66 -17.25 18.46 18.32
N THR A 67 -17.46 19.43 19.22
CA THR A 67 -16.46 19.90 20.18
C THR A 67 -16.92 19.47 21.58
N TYR A 68 -16.26 18.46 22.15
CA TYR A 68 -16.70 17.85 23.40
C TYR A 68 -15.89 18.38 24.60
N THR A 69 -16.61 18.67 25.68
CA THR A 69 -16.07 18.78 27.05
C THR A 69 -17.07 18.10 27.99
N LYS A 70 -16.66 17.89 29.25
CA LYS A 70 -17.54 17.29 30.27
C LYS A 70 -18.72 18.24 30.56
N ASP A 71 -18.46 19.55 30.44
CA ASP A 71 -19.41 20.59 30.84
C ASP A 71 -20.45 20.84 29.74
N ALA A 72 -20.01 20.74 28.47
CA ALA A 72 -20.91 20.95 27.34
C ALA A 72 -20.32 20.31 26.08
N THR A 73 -21.19 20.14 25.08
CA THR A 73 -20.85 19.60 23.77
C THR A 73 -21.49 20.49 22.69
N THR A 74 -20.65 20.98 21.76
CA THR A 74 -21.10 21.86 20.67
C THR A 74 -21.09 21.09 19.35
N PHE A 75 -22.16 21.25 18.57
CA PHE A 75 -22.31 20.64 17.25
C PHE A 75 -22.33 21.76 16.21
N LYS A 76 -21.54 21.60 15.14
CA LYS A 76 -21.53 22.56 14.03
C LYS A 76 -21.67 21.82 12.70
N VAL A 77 -22.51 22.36 11.82
CA VAL A 77 -22.78 21.80 10.49
C VAL A 77 -22.72 22.95 9.47
N TRP A 78 -21.95 22.71 8.39
CA TRP A 78 -21.86 23.64 7.28
C TRP A 78 -22.90 23.26 6.22
N SER A 79 -23.90 24.12 6.01
CA SER A 79 -24.91 23.91 4.97
C SER A 79 -25.60 25.23 4.62
N PRO A 80 -25.05 26.03 3.70
CA PRO A 80 -25.70 27.24 3.23
C PRO A 80 -27.04 27.00 2.52
N THR A 81 -27.28 25.75 2.08
CA THR A 81 -28.46 25.36 1.31
C THR A 81 -29.66 25.08 2.22
N ALA A 82 -29.40 24.83 3.51
CA ALA A 82 -30.40 24.40 4.47
C ALA A 82 -31.29 25.57 4.90
N THR A 83 -32.55 25.26 5.22
CA THR A 83 -33.50 26.17 5.86
C THR A 83 -33.68 25.78 7.33
N GLY A 84 -33.06 24.68 7.75
CA GLY A 84 -33.15 24.20 9.13
C GLY A 84 -32.38 22.91 9.31
N VAL A 85 -31.72 22.79 10.48
CA VAL A 85 -30.95 21.61 10.86
C VAL A 85 -31.34 21.23 12.28
N LYS A 86 -31.72 19.96 12.47
CA LYS A 86 -32.18 19.43 13.75
C LYS A 86 -31.22 18.31 14.19
N LEU A 87 -30.88 18.30 15.48
CA LEU A 87 -30.01 17.31 16.10
C LEU A 87 -30.86 16.27 16.84
N ASN A 88 -30.63 14.98 16.54
CA ASN A 88 -31.36 13.87 17.14
C ASN A 88 -30.41 13.05 18.01
N ILE A 89 -30.75 12.85 19.28
CA ILE A 89 -29.90 12.09 20.22
C ILE A 89 -30.52 10.71 20.45
N PHE A 90 -29.64 9.71 20.57
CA PHE A 90 -30.01 8.31 20.86
C PHE A 90 -29.04 7.73 21.89
N THR A 91 -29.44 6.62 22.53
CA THR A 91 -28.64 5.93 23.54
C THR A 91 -27.73 4.87 22.89
N LYS A 92 -28.17 4.31 21.75
CA LYS A 92 -27.44 3.28 21.02
C LYS A 92 -27.34 3.65 19.55
N GLY A 93 -26.36 3.04 18.86
CA GLY A 93 -26.06 3.31 17.47
C GLY A 93 -27.07 2.69 16.52
N SER A 94 -27.83 1.71 17.02
CA SER A 94 -28.90 1.06 16.27
C SER A 94 -30.02 0.64 17.22
N ASP A 95 -31.21 0.40 16.65
CA ASP A 95 -32.45 0.22 17.40
C ASP A 95 -32.57 -1.20 17.95
N ASP A 96 -31.79 -2.15 17.41
CA ASP A 96 -31.86 -3.56 17.79
C ASP A 96 -31.16 -3.81 19.14
N GLU A 97 -30.29 -2.89 19.57
CA GLU A 97 -29.44 -3.08 20.75
C GLU A 97 -30.25 -2.89 22.04
N GLN A 98 -29.88 -3.63 23.09
CA GLN A 98 -30.44 -3.47 24.42
C GLN A 98 -30.13 -2.05 24.91
N GLY A 99 -31.18 -1.31 25.31
CA GLY A 99 -31.06 0.04 25.84
C GLY A 99 -31.28 1.13 24.80
N ALA A 100 -31.58 0.73 23.56
CA ALA A 100 -31.77 1.66 22.43
C ALA A 100 -33.00 2.54 22.69
N SER A 101 -32.78 3.86 22.70
CA SER A 101 -33.82 4.86 22.98
C SER A 101 -33.51 6.15 22.25
N LYS A 102 -34.54 6.77 21.67
CA LYS A 102 -34.48 8.18 21.26
C LYS A 102 -34.52 9.02 22.54
N VAL A 103 -33.52 9.89 22.71
CA VAL A 103 -33.40 10.73 23.90
C VAL A 103 -34.23 12.00 23.68
N ALA A 104 -33.86 12.78 22.65
CA ALA A 104 -34.49 14.06 22.34
C ALA A 104 -34.00 14.57 20.98
N SER A 105 -34.68 15.59 20.46
CA SER A 105 -34.25 16.33 19.27
C SER A 105 -34.19 17.83 19.60
N TYR A 106 -33.25 18.54 18.96
CA TYR A 106 -32.96 19.95 19.25
C TYR A 106 -32.80 20.72 17.94
N THR A 107 -32.99 22.04 18.02
CA THR A 107 -32.92 22.95 16.88
C THR A 107 -31.56 23.66 16.88
N LEU A 108 -30.77 23.47 15.81
CA LEU A 108 -29.56 24.25 15.59
C LEU A 108 -29.99 25.63 15.06
N GLU A 109 -29.19 26.64 15.40
CA GLU A 109 -29.43 28.03 14.99
C GLU A 109 -28.34 28.44 13.99
N LYS A 110 -28.69 29.38 13.12
CA LYS A 110 -27.73 30.01 12.20
C LYS A 110 -26.68 30.77 13.02
N MET A 111 -25.40 30.51 12.69
CA MET A 111 -24.26 31.16 13.30
C MET A 111 -24.03 32.51 12.60
N LEU A 112 -24.06 33.60 13.37
CA LEU A 112 -23.95 34.96 12.83
C LEU A 112 -22.62 35.59 13.28
N VAL A 113 -21.78 35.99 12.31
CA VAL A 113 -20.49 36.66 12.55
C VAL A 113 -20.78 38.06 13.12
N ASP A 114 -21.23 38.97 12.25
CA ASP A 114 -21.74 40.27 12.67
C ASP A 114 -23.24 40.10 12.90
N GLY A 115 -24.04 40.63 11.98
CA GLY A 115 -25.45 40.25 11.83
C GLY A 115 -25.64 39.36 10.61
N GLU A 116 -24.53 38.72 10.19
CA GLU A 116 -24.39 38.06 8.88
C GLU A 116 -24.15 36.58 9.10
N TRP A 117 -24.78 35.74 8.26
CA TRP A 117 -24.72 34.28 8.36
C TRP A 117 -23.48 33.77 7.59
N ASN A 118 -22.70 32.91 8.25
CA ASN A 118 -21.44 32.38 7.71
C ASN A 118 -21.66 30.98 7.11
N GLY A 119 -22.92 30.54 7.02
CA GLY A 119 -23.30 29.26 6.42
C GLY A 119 -23.32 28.11 7.42
N VAL A 120 -22.91 28.37 8.67
CA VAL A 120 -22.75 27.33 9.69
C VAL A 120 -23.96 27.33 10.62
N TRP A 121 -24.45 26.12 10.93
CA TRP A 121 -25.47 25.88 11.95
C TRP A 121 -24.78 25.39 13.23
N THR A 122 -25.31 25.77 14.38
CA THR A 122 -24.68 25.45 15.66
C THR A 122 -25.71 25.31 16.78
N ILE A 123 -25.36 24.47 17.76
CA ILE A 123 -26.04 24.38 19.04
C ILE A 123 -25.02 23.86 20.08
N THR A 124 -25.24 24.24 21.34
CA THR A 124 -24.46 23.79 22.48
C THR A 124 -25.39 23.10 23.48
N LEU A 125 -25.14 21.81 23.73
CA LEU A 125 -25.85 21.06 24.77
C LEU A 125 -25.05 21.16 26.07
N VAL A 126 -25.70 21.63 27.14
CA VAL A 126 -25.06 21.82 28.42
C VAL A 126 -25.20 20.50 29.21
N GLY A 127 -24.10 20.09 29.85
CA GLY A 127 -24.03 18.86 30.64
C GLY A 127 -23.08 17.84 30.03
N GLU A 128 -23.11 16.62 30.57
CA GLU A 128 -22.26 15.51 30.14
C GLU A 128 -23.01 14.70 29.08
N TRP A 129 -22.49 14.71 27.84
CA TRP A 129 -23.13 14.07 26.69
C TRP A 129 -22.23 12.98 26.09
N LYS A 130 -21.27 12.51 26.89
CA LYS A 130 -20.34 11.46 26.51
C LYS A 130 -21.11 10.18 26.17
N ASP A 131 -20.74 9.56 25.04
CA ASP A 131 -21.13 8.18 24.67
C ASP A 131 -22.58 8.13 24.19
N TYR A 132 -23.18 9.29 23.90
CA TYR A 132 -24.47 9.36 23.22
C TYR A 132 -24.24 9.34 21.71
N TYR A 133 -25.20 8.79 20.97
CA TYR A 133 -25.19 8.78 19.51
C TYR A 133 -26.12 9.88 19.00
N TYR A 134 -25.92 10.29 17.74
CA TYR A 134 -26.72 11.37 17.17
C TYR A 134 -26.75 11.29 15.65
N THR A 135 -27.81 11.87 15.09
CA THR A 135 -27.93 12.18 13.66
C THR A 135 -28.37 13.65 13.52
N TYR A 136 -28.23 14.19 12.32
CA TYR A 136 -28.85 15.44 11.93
C TYR A 136 -29.99 15.15 10.95
N SER A 137 -31.11 15.87 11.12
CA SER A 137 -32.17 15.97 10.12
C SER A 137 -32.03 17.33 9.43
N VAL A 138 -31.57 17.30 8.17
CA VAL A 138 -31.23 18.50 7.40
C VAL A 138 -32.35 18.77 6.38
N THR A 139 -33.06 19.89 6.56
CA THR A 139 -34.00 20.39 5.56
C THR A 139 -33.26 21.39 4.67
N THR A 140 -33.22 21.11 3.36
CA THR A 140 -32.28 21.79 2.48
C THR A 140 -32.79 21.79 1.03
N THR A 141 -32.42 22.86 0.31
CA THR A 141 -32.50 22.92 -1.14
C THR A 141 -31.21 22.30 -1.69
N ASP A 142 -31.09 22.27 -3.02
CA ASP A 142 -29.83 21.99 -3.67
C ASP A 142 -29.11 23.33 -3.88
N THR A 143 -27.94 23.28 -4.51
CA THR A 143 -27.07 24.45 -4.71
C THR A 143 -27.68 25.44 -5.71
N THR A 144 -28.52 24.95 -6.65
CA THR A 144 -29.04 25.76 -7.75
C THR A 144 -30.47 26.26 -7.45
N HIS A 145 -30.95 26.09 -6.20
CA HIS A 145 -32.27 26.57 -5.77
C HIS A 145 -32.21 27.07 -4.31
N ILE A 146 -31.17 27.83 -3.96
CA ILE A 146 -31.03 28.41 -2.63
C ILE A 146 -32.09 29.50 -2.45
N GLY A 147 -32.71 29.53 -1.28
CA GLY A 147 -33.68 30.55 -0.89
C GLY A 147 -35.08 30.26 -1.43
N SER A 148 -35.28 29.05 -1.95
CA SER A 148 -36.53 28.62 -2.56
C SER A 148 -37.25 27.65 -1.62
N ASP A 149 -38.49 27.30 -1.95
CA ASP A 149 -39.32 26.45 -1.09
C ASP A 149 -39.11 24.97 -1.47
N ALA A 150 -38.39 24.72 -2.58
CA ALA A 150 -38.08 23.37 -3.02
C ALA A 150 -37.00 22.76 -2.12
N THR A 151 -37.43 22.25 -0.95
CA THR A 151 -36.56 21.60 0.02
C THR A 151 -37.03 20.16 0.23
N LYS A 152 -36.11 19.34 0.76
CA LYS A 152 -36.42 18.00 1.27
C LYS A 152 -35.62 17.80 2.56
N THR A 153 -36.05 16.85 3.39
CA THR A 153 -35.42 16.58 4.68
C THR A 153 -34.72 15.21 4.61
N TYR A 154 -33.47 15.17 5.06
CA TYR A 154 -32.65 13.97 5.06
C TYR A 154 -32.08 13.72 6.45
N GLU A 155 -32.09 12.45 6.89
CA GLU A 155 -31.41 12.05 8.12
C GLU A 155 -30.02 11.51 7.75
N THR A 156 -29.00 11.92 8.53
CA THR A 156 -27.59 11.66 8.21
C THR A 156 -26.75 11.65 9.50
N GLN A 157 -25.68 10.83 9.49
CA GLN A 157 -24.60 10.95 10.47
C GLN A 157 -23.77 12.20 10.12
N ASP A 158 -22.95 12.64 11.08
CA ASP A 158 -22.12 13.84 10.92
C ASP A 158 -21.15 13.63 9.76
N VAL A 159 -21.02 14.67 8.93
CA VAL A 159 -20.02 14.73 7.86
C VAL A 159 -18.62 14.67 8.49
N TYR A 160 -18.48 15.27 9.67
CA TYR A 160 -17.21 15.33 10.42
C TYR A 160 -17.22 14.34 11.59
N SER A 161 -17.89 13.19 11.42
CA SER A 161 -17.89 12.13 12.44
C SER A 161 -16.46 11.74 12.81
N THR A 162 -16.19 11.56 14.11
CA THR A 162 -14.93 10.96 14.60
C THR A 162 -15.20 9.60 15.24
N ALA A 163 -16.48 9.21 15.34
CA ALA A 163 -16.90 7.90 15.81
C ALA A 163 -18.33 7.64 15.33
N THR A 164 -18.65 6.35 15.14
CA THR A 164 -20.02 5.92 14.80
C THR A 164 -20.32 4.60 15.50
N GLY A 165 -21.62 4.27 15.55
CA GLY A 165 -22.09 2.94 15.93
C GLY A 165 -21.95 1.96 14.77
N VAL A 166 -22.61 0.81 14.89
CA VAL A 166 -22.54 -0.27 13.90
C VAL A 166 -23.04 0.23 12.53
N ASN A 167 -22.23 -0.01 11.50
CA ASN A 167 -22.54 0.26 10.08
C ASN A 167 -22.63 1.78 9.80
N GLY A 168 -22.11 2.60 10.72
CA GLY A 168 -21.80 4.02 10.48
C GLY A 168 -23.02 4.91 10.17
N LYS A 169 -24.19 4.56 10.72
CA LYS A 169 -25.43 5.31 10.43
C LYS A 169 -25.66 6.42 11.47
N ARG A 170 -25.16 6.23 12.69
CA ARG A 170 -25.26 7.21 13.76
C ARG A 170 -23.85 7.55 14.28
N SER A 171 -23.57 8.85 14.38
CA SER A 171 -22.34 9.35 14.98
C SER A 171 -22.39 9.14 16.50
N MET A 172 -21.24 9.26 17.16
CA MET A 172 -21.11 9.09 18.60
C MET A 172 -20.27 10.23 19.16
N ILE A 173 -20.72 10.79 20.29
CA ILE A 173 -19.98 11.81 21.04
C ILE A 173 -18.97 11.07 21.92
N VAL A 174 -17.67 11.34 21.71
CA VAL A 174 -16.63 10.64 22.45
C VAL A 174 -15.57 11.63 22.96
N ASP A 175 -15.06 11.34 24.16
CA ASP A 175 -13.80 11.86 24.65
C ASP A 175 -12.69 11.02 24.02
N LEU A 176 -11.92 11.61 23.10
CA LEU A 176 -10.93 10.87 22.30
C LEU A 176 -9.78 10.37 23.18
N ASP A 177 -9.58 11.00 24.34
CA ASP A 177 -8.55 10.58 25.29
C ASP A 177 -8.87 9.19 25.85
N GLU A 178 -10.17 8.88 26.01
CA GLU A 178 -10.62 7.59 26.54
C GLU A 178 -10.28 6.45 25.57
N THR A 179 -10.11 6.77 24.27
CA THR A 179 -9.87 5.76 23.23
C THR A 179 -8.37 5.48 23.08
N ASP A 180 -7.51 6.26 23.73
CA ASP A 180 -6.06 6.08 23.68
C ASP A 180 -5.68 4.79 24.41
N PRO A 181 -4.93 3.86 23.77
CA PRO A 181 -4.43 2.68 24.46
C PRO A 181 -3.28 3.04 25.40
N GLU A 182 -2.92 2.10 26.30
CA GLU A 182 -1.79 2.26 27.21
C GLU A 182 -0.52 2.46 26.37
N GLY A 183 0.20 3.56 26.64
CA GLY A 183 1.49 3.86 26.00
C GLY A 183 1.37 4.86 24.85
N TRP A 184 0.14 5.25 24.50
CA TRP A 184 -0.15 6.04 23.29
C TRP A 184 0.54 7.41 23.34
N SER A 185 0.70 7.96 24.55
CA SER A 185 1.36 9.25 24.75
C SER A 185 2.84 9.17 24.36
N ASN A 186 3.42 7.96 24.39
CA ASN A 186 4.84 7.72 24.09
C ASN A 186 5.03 7.17 22.66
N ASP A 187 3.93 7.00 21.92
CA ASP A 187 4.02 6.49 20.55
C ASP A 187 4.30 7.64 19.59
N SER A 188 5.42 7.53 18.87
CA SER A 188 5.86 8.50 17.88
C SER A 188 5.61 7.97 16.47
N HIS A 189 5.57 8.89 15.51
CA HIS A 189 5.62 8.56 14.10
C HIS A 189 6.91 7.77 13.82
N VAL A 190 6.84 6.84 12.87
CA VAL A 190 8.02 6.18 12.31
C VAL A 190 8.16 6.67 10.86
N LEU A 191 9.14 7.55 10.64
CA LEU A 191 9.30 8.27 9.38
C LEU A 191 10.64 7.88 8.75
N LEU A 192 10.63 7.69 7.43
CA LEU A 192 11.84 7.41 6.65
C LEU A 192 12.56 8.73 6.39
N ASP A 193 13.89 8.71 6.53
CA ASP A 193 14.78 9.82 6.23
C ASP A 193 14.52 10.31 4.79
N LYS A 194 14.35 9.35 3.87
CA LYS A 194 13.95 9.59 2.49
C LYS A 194 12.93 8.53 2.08
N SER A 195 11.90 8.94 1.33
CA SER A 195 10.85 8.01 0.88
C SER A 195 11.45 6.89 0.02
N THR A 196 12.50 7.21 -0.74
CA THR A 196 13.14 6.29 -1.68
C THR A 196 13.99 5.23 -0.95
N LYS A 197 14.11 5.35 0.38
CA LYS A 197 14.75 4.33 1.23
C LYS A 197 13.73 3.30 1.73
N SER A 198 12.46 3.41 1.27
CA SER A 198 11.37 2.59 1.79
C SER A 198 11.41 1.19 1.16
N SER A 199 10.83 0.23 1.89
CA SER A 199 10.36 -1.03 1.33
C SER A 199 8.93 -1.24 1.86
N VAL A 200 7.97 -1.17 0.94
CA VAL A 200 6.55 -1.09 1.26
C VAL A 200 5.90 -2.47 1.06
N TRP A 201 5.19 -2.92 2.10
CA TRP A 201 4.40 -4.15 2.14
C TRP A 201 2.91 -3.76 2.13
N GLU A 202 2.22 -3.97 1.00
CA GLU A 202 0.80 -3.59 0.86
C GLU A 202 -0.09 -4.72 1.39
N LEU A 203 -0.82 -4.43 2.47
CA LEU A 203 -1.47 -5.44 3.30
C LEU A 203 -2.94 -5.07 3.55
N HIS A 204 -3.81 -6.08 3.44
CA HIS A 204 -5.20 -6.03 3.87
C HIS A 204 -5.30 -6.62 5.28
N ILE A 205 -6.05 -5.96 6.17
CA ILE A 205 -6.04 -6.27 7.60
C ILE A 205 -6.57 -7.69 7.86
N LYS A 206 -7.57 -8.10 7.07
CA LYS A 206 -8.13 -9.45 7.19
C LYS A 206 -7.13 -10.48 6.66
N ASP A 207 -6.55 -10.18 5.49
CA ASP A 207 -5.56 -11.05 4.83
C ASP A 207 -4.42 -11.41 5.79
N PHE A 208 -4.02 -10.43 6.60
CA PHE A 208 -2.85 -10.53 7.48
C PHE A 208 -2.90 -11.79 8.36
N SER A 209 -4.08 -12.13 8.90
CA SER A 209 -4.16 -13.13 9.96
C SER A 209 -5.46 -13.96 9.94
N TYR A 210 -6.21 -13.95 8.83
CA TYR A 210 -7.45 -14.74 8.77
C TYR A 210 -7.10 -16.24 8.73
N ASP A 211 -5.97 -16.58 8.10
CA ASP A 211 -5.46 -17.94 8.07
C ASP A 211 -5.27 -18.44 9.51
N LYS A 212 -5.87 -19.59 9.81
CA LYS A 212 -5.74 -20.27 11.09
C LYS A 212 -4.25 -20.54 11.39
N ALA A 213 -3.50 -20.89 10.34
CA ALA A 213 -2.07 -21.24 10.41
C ALA A 213 -1.19 -20.04 10.77
N SER A 214 -1.74 -18.82 10.68
CA SER A 214 -1.06 -17.58 11.11
C SER A 214 -0.53 -17.70 12.55
N GLY A 215 -1.22 -18.50 13.38
CA GLY A 215 -0.87 -18.68 14.79
C GLY A 215 -1.43 -17.57 15.69
N VAL A 216 -2.33 -16.75 15.13
CA VAL A 216 -2.99 -15.67 15.87
C VAL A 216 -4.23 -16.25 16.57
N SER A 217 -4.56 -15.69 17.75
CA SER A 217 -5.65 -16.18 18.60
C SER A 217 -6.99 -16.08 17.86
N ASP A 218 -7.93 -16.97 18.23
CA ASP A 218 -9.26 -17.06 17.63
C ASP A 218 -9.93 -15.68 17.61
N ALA A 219 -9.78 -14.93 18.71
CA ALA A 219 -10.43 -13.62 18.90
C ALA A 219 -9.93 -12.60 17.87
N ASN A 220 -8.64 -12.64 17.52
CA ASN A 220 -7.96 -11.52 16.87
C ASN A 220 -7.67 -11.79 15.38
N ARG A 221 -7.92 -13.01 14.89
CA ARG A 221 -7.68 -13.33 13.48
C ARG A 221 -8.54 -12.41 12.59
N GLY A 222 -7.88 -11.72 11.66
CA GLY A 222 -8.52 -10.83 10.71
C GLY A 222 -8.89 -9.47 11.30
N LYS A 223 -8.33 -9.14 12.47
CA LYS A 223 -8.73 -7.94 13.23
C LYS A 223 -7.52 -7.03 13.49
N TYR A 224 -7.82 -5.80 13.93
CA TYR A 224 -6.81 -4.79 14.27
C TYR A 224 -5.79 -5.35 15.27
N LEU A 225 -6.26 -6.13 16.24
CA LEU A 225 -5.46 -6.56 17.39
C LEU A 225 -4.56 -7.77 17.06
N ALA A 226 -4.63 -8.29 15.83
CA ALA A 226 -3.71 -9.35 15.38
C ALA A 226 -2.26 -8.82 15.35
N PHE A 227 -2.13 -7.53 15.06
CA PHE A 227 -0.84 -6.86 14.91
C PHE A 227 -0.12 -6.72 16.25
N THR A 228 -0.86 -6.85 17.36
CA THR A 228 -0.30 -6.72 18.71
C THR A 228 0.26 -8.05 19.21
N GLU A 229 0.01 -9.14 18.47
CA GLU A 229 0.40 -10.50 18.90
C GLU A 229 1.85 -10.80 18.47
N ASN A 230 2.74 -10.80 19.47
CA ASN A 230 4.14 -11.15 19.30
C ASN A 230 4.34 -12.64 19.57
N GLY A 231 5.40 -13.20 18.99
CA GLY A 231 5.78 -14.59 19.18
C GLY A 231 4.88 -15.56 18.43
N THR A 232 4.21 -15.08 17.37
CA THR A 232 3.34 -15.94 16.56
C THR A 232 4.20 -16.78 15.61
N THR A 233 3.81 -18.05 15.47
CA THR A 233 4.50 -19.03 14.64
C THR A 233 3.47 -19.83 13.82
N LEU A 234 3.97 -20.55 12.81
CA LEU A 234 3.15 -21.33 11.89
C LEU A 234 2.43 -22.43 12.66
N ASN A 235 1.10 -22.44 12.56
CA ASN A 235 0.21 -23.40 13.25
C ASN A 235 0.47 -23.37 14.76
N GLY A 236 1.04 -22.26 15.26
CA GLY A 236 1.43 -22.10 16.67
C GLY A 236 2.35 -23.21 17.17
N GLU A 237 3.16 -23.77 16.27
CA GLU A 237 4.03 -24.92 16.60
C GLU A 237 5.37 -24.43 17.18
N GLY A 238 5.66 -23.14 17.03
CA GLY A 238 6.81 -22.49 17.66
C GLY A 238 8.12 -22.73 16.92
N LYS A 239 8.06 -22.88 15.59
CA LYS A 239 9.24 -23.25 14.79
C LYS A 239 9.66 -22.10 13.86
N VAL A 240 8.71 -21.50 13.14
CA VAL A 240 8.99 -20.43 12.20
C VAL A 240 7.97 -19.30 12.40
N SER A 241 8.47 -18.06 12.35
CA SER A 241 7.70 -16.86 12.72
C SER A 241 6.69 -16.49 11.63
N THR A 242 5.58 -15.88 12.08
CA THR A 242 4.51 -15.36 11.22
C THR A 242 4.14 -13.96 11.69
N CYS A 243 3.31 -13.28 10.89
CA CYS A 243 2.71 -11.99 11.20
C CYS A 243 3.80 -10.99 11.64
N ILE A 244 3.62 -10.29 12.77
CA ILE A 244 4.44 -9.12 13.09
C ILE A 244 5.92 -9.55 13.23
N ASP A 245 6.17 -10.71 13.86
CA ASP A 245 7.53 -11.23 14.04
C ASP A 245 8.17 -11.51 12.66
N TYR A 246 7.36 -11.99 11.70
CA TYR A 246 7.83 -12.25 10.34
C TYR A 246 8.28 -10.94 9.66
N LEU A 247 7.52 -9.86 9.86
CA LEU A 247 7.78 -8.56 9.23
C LEU A 247 9.09 -7.95 9.76
N LYS A 248 9.37 -8.13 11.05
CA LYS A 248 10.62 -7.69 11.68
C LYS A 248 11.81 -8.40 11.02
N GLU A 249 11.67 -9.70 10.77
CA GLU A 249 12.71 -10.52 10.16
C GLU A 249 12.90 -10.15 8.69
N LEU A 250 11.78 -9.98 7.97
CA LEU A 250 11.80 -9.63 6.54
C LEU A 250 12.52 -8.28 6.36
N GLY A 251 12.21 -7.32 7.24
CA GLY A 251 12.89 -6.03 7.31
C GLY A 251 12.21 -4.92 6.51
N VAL A 252 10.92 -5.09 6.21
CA VAL A 252 10.16 -4.05 5.49
C VAL A 252 10.15 -2.79 6.36
N THR A 253 10.27 -1.63 5.72
CA THR A 253 10.31 -0.34 6.43
C THR A 253 8.88 0.15 6.67
N THR A 254 7.95 -0.25 5.79
CA THR A 254 6.63 0.36 5.70
C THR A 254 5.57 -0.72 5.43
N VAL A 255 4.44 -0.61 6.13
CA VAL A 255 3.22 -1.33 5.78
C VAL A 255 2.20 -0.30 5.29
N GLN A 256 1.68 -0.54 4.08
CA GLN A 256 0.56 0.21 3.54
C GLN A 256 -0.72 -0.61 3.73
N LEU A 257 -1.67 -0.05 4.50
CA LEU A 257 -2.89 -0.76 4.86
C LEU A 257 -4.01 -0.37 3.91
N ASN A 258 -4.63 -1.38 3.29
CA ASN A 258 -5.84 -1.25 2.49
C ASN A 258 -6.93 -0.61 3.34
N PRO A 259 -7.94 0.06 2.74
CA PRO A 259 -8.91 0.87 3.48
C PRO A 259 -9.25 0.42 4.91
N PHE A 260 -8.93 1.27 5.90
CA PHE A 260 -9.37 1.06 7.28
C PHE A 260 -10.11 2.29 7.83
N TYR A 261 -10.41 3.27 6.97
CA TYR A 261 -11.57 4.15 7.17
C TYR A 261 -12.84 3.30 7.02
N ASP A 262 -13.97 3.82 7.50
CA ASP A 262 -15.24 3.08 7.51
C ASP A 262 -15.81 3.03 6.08
N PHE A 263 -16.02 1.79 5.58
CA PHE A 263 -16.60 1.53 4.26
C PHE A 263 -17.94 0.81 4.42
N GLN A 264 -18.67 0.64 3.31
CA GLN A 264 -20.07 0.19 3.28
C GLN A 264 -20.18 -1.34 3.19
N SER A 265 -19.23 -1.97 2.50
CA SER A 265 -19.43 -3.25 1.82
C SER A 265 -19.29 -4.48 2.74
N VAL A 266 -18.99 -4.28 4.03
CA VAL A 266 -19.07 -5.36 5.01
C VAL A 266 -20.14 -5.02 6.05
N ASN A 267 -21.13 -5.90 6.19
CA ASN A 267 -22.14 -5.79 7.22
C ASN A 267 -21.49 -6.15 8.56
N GLU A 268 -21.33 -5.14 9.42
CA GLU A 268 -20.55 -5.25 10.64
C GLU A 268 -21.31 -6.06 11.70
N ALA A 269 -22.60 -6.31 11.46
CA ALA A 269 -23.43 -7.16 12.33
C ALA A 269 -23.54 -8.58 11.76
N GLY A 270 -22.90 -8.82 10.61
CA GLY A 270 -23.02 -10.08 9.89
C GLY A 270 -21.89 -11.05 10.20
N ASP A 271 -21.67 -11.99 9.28
CA ASP A 271 -20.81 -13.14 9.47
C ASP A 271 -19.34 -12.73 9.30
N ASP A 272 -18.45 -13.46 9.99
CA ASP A 272 -17.01 -13.20 10.06
C ASP A 272 -16.32 -13.53 8.72
N SER A 273 -16.99 -14.27 7.84
CA SER A 273 -16.39 -14.75 6.59
C SER A 273 -16.51 -13.72 5.45
N GLN A 274 -17.22 -12.61 5.68
CA GLN A 274 -17.35 -11.53 4.70
C GLN A 274 -15.97 -10.93 4.38
N PHE A 275 -15.81 -10.44 3.15
CA PHE A 275 -14.58 -9.83 2.70
C PHE A 275 -14.87 -8.71 1.70
N ASN A 276 -14.18 -7.57 1.89
CA ASN A 276 -14.10 -6.52 0.87
C ASN A 276 -12.80 -5.73 1.10
N TRP A 277 -12.18 -5.29 -0.01
CA TRP A 277 -11.03 -4.40 0.05
C TRP A 277 -11.43 -3.11 0.76
N GLY A 278 -12.64 -2.61 0.45
CA GLY A 278 -13.28 -1.52 1.17
C GLY A 278 -13.08 -0.17 0.51
N TYR A 279 -13.08 -0.13 -0.84
CA TYR A 279 -12.95 1.11 -1.62
C TYR A 279 -14.34 1.74 -1.79
N ASP A 280 -15.10 1.75 -0.69
CA ASP A 280 -16.53 2.08 -0.66
C ASP A 280 -16.80 3.00 0.54
N PRO A 281 -16.24 4.24 0.55
CA PRO A 281 -16.27 5.09 1.75
C PRO A 281 -17.66 5.57 2.21
N VAL A 282 -17.88 5.52 3.52
CA VAL A 282 -19.08 6.02 4.18
C VAL A 282 -18.67 7.14 5.16
N ASN A 283 -17.68 6.87 6.01
CA ASN A 283 -17.18 7.82 7.01
C ASN A 283 -15.65 7.88 6.94
N TYR A 284 -15.14 9.01 6.42
CA TYR A 284 -13.74 9.18 6.08
C TYR A 284 -12.85 9.25 7.35
N ASN A 285 -13.42 9.74 8.46
CA ASN A 285 -12.63 10.04 9.66
C ASN A 285 -12.96 9.07 10.80
N VAL A 286 -13.53 7.91 10.45
CA VAL A 286 -13.91 6.86 11.40
C VAL A 286 -13.28 5.56 10.94
N PRO A 287 -12.67 4.75 11.85
CA PRO A 287 -12.19 3.41 11.50
C PRO A 287 -13.31 2.45 11.07
N GLU A 288 -12.94 1.45 10.24
CA GLU A 288 -13.83 0.38 9.83
C GLU A 288 -14.20 -0.47 11.05
N GLY A 289 -15.47 -0.85 11.14
CA GLY A 289 -16.01 -1.58 12.29
C GLY A 289 -15.66 -3.06 12.28
N SER A 290 -15.64 -3.67 11.09
CA SER A 290 -15.53 -5.13 10.93
C SER A 290 -14.16 -5.65 11.37
N TYR A 291 -13.13 -4.78 11.37
CA TYR A 291 -11.78 -5.15 11.82
C TYR A 291 -11.65 -5.02 13.35
N SER A 292 -12.71 -4.52 14.02
CA SER A 292 -12.72 -4.40 15.47
C SER A 292 -13.43 -5.62 16.11
N SER A 293 -13.27 -5.76 17.42
CA SER A 293 -13.87 -6.84 18.20
C SER A 293 -15.32 -6.50 18.58
N ASN A 294 -15.69 -5.22 18.44
CA ASN A 294 -17.02 -4.72 18.82
C ASN A 294 -17.30 -3.43 18.04
N PRO A 295 -18.13 -3.50 16.97
CA PRO A 295 -18.49 -2.31 16.21
C PRO A 295 -19.67 -1.50 16.78
N TYR A 296 -20.36 -2.05 17.78
CA TYR A 296 -21.59 -1.47 18.35
C TYR A 296 -21.23 -0.28 19.24
N ASP A 297 -20.23 -0.47 20.10
CA ASP A 297 -19.63 0.61 20.89
C ASP A 297 -18.57 1.30 20.03
N GLY A 298 -18.79 2.58 19.73
CA GLY A 298 -17.99 3.33 18.75
C GLY A 298 -16.55 3.59 19.20
N LYS A 299 -16.30 3.46 20.52
CA LYS A 299 -15.00 3.73 21.11
C LYS A 299 -14.02 2.57 20.87
N VAL A 300 -14.54 1.34 20.79
CA VAL A 300 -13.71 0.11 20.78
C VAL A 300 -12.82 0.11 19.53
N ARG A 301 -13.41 0.32 18.35
CA ARG A 301 -12.68 0.27 17.07
C ARG A 301 -11.57 1.32 17.05
N ILE A 302 -11.80 2.49 17.66
CA ILE A 302 -10.81 3.57 17.71
C ILE A 302 -9.60 3.08 18.51
N LYS A 303 -9.85 2.61 19.73
CA LYS A 303 -8.81 2.10 20.63
C LYS A 303 -7.98 1.02 19.91
N GLU A 304 -8.66 0.04 19.29
CA GLU A 304 -8.02 -1.13 18.70
C GLU A 304 -7.25 -0.74 17.44
N CYS A 305 -7.81 0.20 16.66
CA CYS A 305 -7.15 0.74 15.48
C CYS A 305 -5.84 1.43 15.88
N LYS A 306 -5.84 2.11 17.02
CA LYS A 306 -4.64 2.77 17.53
C LYS A 306 -3.62 1.74 18.01
N GLU A 307 -4.09 0.63 18.59
CA GLU A 307 -3.24 -0.45 19.08
C GLU A 307 -2.50 -1.10 17.90
N MET A 308 -3.18 -1.24 16.76
CA MET A 308 -2.58 -1.78 15.54
C MET A 308 -1.38 -0.91 15.13
N ILE A 309 -1.61 0.41 15.08
CA ILE A 309 -0.62 1.38 14.62
C ILE A 309 0.54 1.44 15.62
N LYS A 310 0.23 1.43 16.92
CA LYS A 310 1.24 1.43 17.97
C LYS A 310 2.15 0.21 17.82
N ALA A 311 1.54 -0.96 17.60
CA ALA A 311 2.25 -2.23 17.48
C ALA A 311 3.24 -2.18 16.30
N LEU A 312 2.80 -1.60 15.18
CA LEU A 312 3.64 -1.47 13.99
C LEU A 312 4.79 -0.51 14.28
N HIS A 313 4.51 0.58 15.00
CA HIS A 313 5.52 1.57 15.38
C HIS A 313 6.56 0.94 16.32
N ASP A 314 6.09 0.10 17.26
CA ASP A 314 6.94 -0.61 18.23
C ASP A 314 7.90 -1.57 17.49
N ALA A 315 7.45 -2.12 16.36
CA ALA A 315 8.27 -3.01 15.53
C ALA A 315 9.16 -2.19 14.57
N GLY A 316 9.09 -0.86 14.67
CA GLY A 316 9.90 0.05 13.87
C GLY A 316 9.42 0.16 12.43
N ILE A 317 8.11 0.00 12.23
CA ILE A 317 7.51 0.02 10.88
C ILE A 317 6.65 1.27 10.72
N SER A 318 6.80 1.93 9.55
CA SER A 318 6.02 3.10 9.14
C SER A 318 4.65 2.64 8.61
N VAL A 319 3.61 3.43 8.89
CA VAL A 319 2.23 3.08 8.58
C VAL A 319 1.69 4.06 7.53
N VAL A 320 1.41 3.54 6.33
CA VAL A 320 0.83 4.32 5.24
C VAL A 320 -0.63 3.89 5.07
N MET A 321 -1.50 4.90 4.96
CA MET A 321 -2.95 4.70 4.90
C MET A 321 -3.44 4.89 3.46
N ASP A 322 -4.10 3.85 2.93
CA ASP A 322 -4.85 3.94 1.68
C ASP A 322 -6.10 4.81 1.94
N VAL A 323 -6.28 5.86 1.13
CA VAL A 323 -7.41 6.80 1.28
C VAL A 323 -8.07 7.02 -0.09
N VAL A 324 -9.38 7.28 -0.06
CA VAL A 324 -10.26 7.23 -1.24
C VAL A 324 -11.22 8.43 -1.22
N TYR A 325 -10.64 9.64 -1.26
CA TYR A 325 -11.41 10.90 -1.25
C TYR A 325 -12.02 11.15 -2.64
N ASN A 326 -11.57 10.39 -3.65
CA ASN A 326 -11.97 10.56 -5.05
C ASN A 326 -13.46 10.21 -5.27
N HIS A 327 -14.03 9.34 -4.42
CA HIS A 327 -15.46 8.98 -4.51
C HIS A 327 -15.95 8.39 -3.18
N THR A 328 -17.27 8.48 -2.94
CA THR A 328 -17.95 7.79 -1.84
C THR A 328 -18.76 6.63 -2.41
N TYR A 329 -19.12 5.65 -1.56
CA TYR A 329 -19.84 4.45 -2.00
C TYR A 329 -21.06 4.82 -2.86
N SER A 330 -21.83 5.82 -2.41
CA SER A 330 -23.00 6.30 -3.12
C SER A 330 -23.22 7.79 -2.82
N THR A 331 -24.12 8.41 -3.58
CA THR A 331 -24.48 9.81 -3.42
C THR A 331 -25.61 9.94 -2.38
N ASP A 332 -26.04 8.82 -1.81
CA ASP A 332 -26.87 8.79 -0.60
C ASP A 332 -25.94 8.81 0.62
N SER A 333 -25.25 9.94 0.78
CA SER A 333 -24.15 10.11 1.71
C SER A 333 -24.43 11.29 2.64
N CYS A 334 -23.61 11.40 3.70
CA CYS A 334 -23.67 12.54 4.61
C CYS A 334 -23.40 13.85 3.85
N PHE A 335 -22.49 13.80 2.86
CA PHE A 335 -22.14 14.98 2.07
C PHE A 335 -23.37 15.50 1.29
N GLN A 336 -24.03 14.61 0.56
CA GLN A 336 -25.14 14.98 -0.33
C GLN A 336 -26.39 15.35 0.48
N TYR A 337 -26.55 14.73 1.65
CA TYR A 337 -27.71 14.97 2.52
C TYR A 337 -27.57 16.29 3.28
N THR A 338 -26.34 16.83 3.34
CA THR A 338 -26.04 18.05 4.07
C THR A 338 -26.04 19.26 3.10
N VAL A 339 -25.38 19.10 1.94
CA VAL A 339 -25.31 20.15 0.92
C VAL A 339 -25.44 19.51 -0.46
N PRO A 340 -26.68 19.22 -0.92
CA PRO A 340 -26.89 18.50 -2.19
C PRO A 340 -26.24 19.16 -3.42
N ASN A 341 -25.36 18.40 -4.09
CA ASN A 341 -24.73 18.70 -5.39
C ASN A 341 -23.51 19.63 -5.23
N TYR A 342 -23.05 19.84 -3.99
CA TYR A 342 -21.89 20.69 -3.75
C TYR A 342 -20.61 19.85 -3.79
N TYR A 343 -20.63 18.70 -3.10
CA TYR A 343 -19.43 17.93 -2.81
C TYR A 343 -19.04 17.02 -3.97
N TYR A 344 -19.92 16.88 -4.98
CA TYR A 344 -19.68 15.98 -6.11
C TYR A 344 -19.63 16.79 -7.41
N ARG A 345 -18.85 16.30 -8.38
CA ARG A 345 -18.71 16.94 -9.69
C ARG A 345 -19.97 16.67 -10.51
N MET A 346 -20.62 17.74 -10.95
CA MET A 346 -21.90 17.69 -11.63
C MET A 346 -21.71 18.02 -13.12
N LYS A 347 -22.24 17.16 -13.98
CA LYS A 347 -22.35 17.42 -15.41
C LYS A 347 -23.54 18.35 -15.65
N THR A 348 -23.56 19.03 -16.81
CA THR A 348 -24.58 20.05 -17.15
C THR A 348 -25.99 19.45 -17.14
N THR A 349 -26.08 18.16 -17.49
CA THR A 349 -27.32 17.39 -17.62
C THR A 349 -27.87 16.98 -16.26
N GLY A 350 -27.16 17.32 -15.17
CA GLY A 350 -27.61 17.02 -13.82
C GLY A 350 -27.08 15.69 -13.32
N ALA A 351 -26.52 14.88 -14.23
CA ALA A 351 -25.90 13.60 -13.88
C ALA A 351 -24.62 13.85 -13.09
N PHE A 352 -24.31 12.95 -12.16
CA PHE A 352 -23.04 12.93 -11.45
C PHE A 352 -21.94 12.46 -12.42
N SER A 353 -20.84 13.22 -12.52
CA SER A 353 -19.67 12.79 -13.27
C SER A 353 -19.15 11.49 -12.65
N ASP A 354 -18.78 10.52 -13.51
CA ASP A 354 -18.44 9.16 -13.10
C ASP A 354 -17.00 8.84 -13.54
N GLY A 355 -16.07 9.67 -13.07
CA GLY A 355 -14.65 9.52 -13.32
C GLY A 355 -14.02 8.38 -12.54
N SER A 356 -14.69 7.92 -11.48
CA SER A 356 -14.20 6.83 -10.62
C SER A 356 -14.64 5.47 -11.16
N GLY A 357 -15.71 5.46 -11.97
CA GLY A 357 -16.38 4.24 -12.39
C GLY A 357 -17.10 3.56 -11.25
N CYS A 358 -17.34 4.29 -10.15
CA CYS A 358 -18.05 3.79 -8.98
C CYS A 358 -19.35 4.58 -8.75
N GLY A 359 -19.60 5.63 -9.55
CA GLY A 359 -20.88 6.35 -9.55
C GLY A 359 -20.75 7.85 -9.36
N ASN A 360 -19.62 8.33 -8.82
CA ASN A 360 -19.47 9.75 -8.50
C ASN A 360 -17.99 10.15 -8.39
N GLU A 361 -17.75 11.47 -8.36
CA GLU A 361 -16.44 12.07 -8.09
C GLU A 361 -16.56 13.12 -6.98
N GLY A 362 -15.68 13.05 -5.99
CA GLY A 362 -15.50 14.13 -5.03
C GLY A 362 -14.90 15.36 -5.70
N ALA A 363 -15.49 16.52 -5.46
CA ALA A 363 -15.07 17.77 -6.08
C ALA A 363 -13.99 18.45 -5.21
N THR A 364 -12.75 17.95 -5.33
CA THR A 364 -11.57 18.46 -4.58
C THR A 364 -11.36 19.96 -4.83
N GLU A 365 -11.79 20.46 -5.99
CA GLU A 365 -11.62 21.86 -6.38
C GLU A 365 -12.56 22.80 -5.59
N ARG A 366 -13.56 22.23 -4.89
CA ARG A 366 -14.49 23.01 -4.07
C ARG A 366 -13.84 23.35 -2.73
N ALA A 367 -14.07 24.59 -2.27
CA ALA A 367 -13.42 25.16 -1.10
C ALA A 367 -13.55 24.23 0.12
N MET A 368 -14.75 23.68 0.33
CA MET A 368 -15.06 22.97 1.57
C MET A 368 -14.79 21.47 1.45
N TYR A 369 -14.64 20.93 0.23
CA TYR A 369 -14.18 19.53 0.11
C TYR A 369 -12.65 19.48 0.17
N ARG A 370 -11.98 20.43 -0.50
CA ARG A 370 -10.54 20.64 -0.35
C ARG A 370 -10.20 20.70 1.13
N GLN A 371 -10.89 21.58 1.87
CA GLN A 371 -10.62 21.78 3.29
C GLN A 371 -10.87 20.48 4.06
N TYR A 372 -11.96 19.78 3.73
CA TYR A 372 -12.30 18.50 4.37
C TYR A 372 -11.17 17.48 4.20
N VAL A 373 -10.67 17.36 2.96
CA VAL A 373 -9.65 16.36 2.62
C VAL A 373 -8.37 16.66 3.42
N ILE A 374 -7.92 17.92 3.41
CA ILE A 374 -6.67 18.32 4.06
C ILE A 374 -6.80 18.14 5.58
N ASP A 375 -7.95 18.57 6.14
CA ASP A 375 -8.22 18.41 7.58
C ASP A 375 -8.26 16.92 7.96
N SER A 376 -8.83 16.09 7.08
CA SER A 376 -8.92 14.65 7.30
C SER A 376 -7.52 14.03 7.36
N LEU A 377 -6.64 14.43 6.43
CA LEU A 377 -5.27 13.92 6.37
C LEU A 377 -4.53 14.30 7.67
N LYS A 378 -4.68 15.56 8.08
CA LYS A 378 -4.04 16.06 9.29
C LYS A 378 -4.56 15.29 10.50
N TYR A 379 -5.86 14.99 10.50
CA TYR A 379 -6.52 14.28 11.60
C TYR A 379 -5.89 12.88 11.75
N TRP A 380 -5.82 12.12 10.65
CA TRP A 380 -5.28 10.75 10.69
C TRP A 380 -3.82 10.74 11.17
N VAL A 381 -3.04 11.76 10.75
CA VAL A 381 -1.65 11.94 11.17
C VAL A 381 -1.57 12.23 12.68
N ASN A 382 -2.35 13.21 13.14
CA ASN A 382 -2.23 13.72 14.52
C ASN A 382 -2.90 12.77 15.52
N GLU A 383 -4.12 12.32 15.20
CA GLU A 383 -4.94 11.53 16.13
C GLU A 383 -4.49 10.06 16.14
N TYR A 384 -4.22 9.49 14.96
CA TYR A 384 -3.94 8.04 14.82
C TYR A 384 -2.45 7.77 14.58
N HIS A 385 -1.63 8.82 14.44
CA HIS A 385 -0.17 8.72 14.24
C HIS A 385 0.17 8.08 12.88
N VAL A 386 -0.69 8.28 11.88
CA VAL A 386 -0.44 7.77 10.52
C VAL A 386 0.77 8.54 9.92
N ASP A 387 1.62 7.81 9.18
CA ASP A 387 2.95 8.31 8.75
C ASP A 387 2.96 8.68 7.27
N GLY A 388 1.91 8.35 6.53
CA GLY A 388 1.79 8.71 5.11
C GLY A 388 0.54 8.14 4.48
N PHE A 389 0.32 8.48 3.20
CA PHE A 389 -0.93 8.20 2.51
C PHE A 389 -0.67 7.70 1.08
N ARG A 390 -1.49 6.73 0.68
CA ARG A 390 -1.63 6.27 -0.70
C ARG A 390 -2.99 6.73 -1.22
N PHE A 391 -2.98 7.62 -2.23
CA PHE A 391 -4.18 8.24 -2.76
C PHE A 391 -4.78 7.40 -3.90
N ALA A 392 -5.95 6.81 -3.65
CA ALA A 392 -6.72 6.08 -4.66
C ALA A 392 -7.12 7.07 -5.76
N LEU A 393 -6.94 6.65 -7.02
CA LEU A 393 -7.25 7.45 -8.21
C LEU A 393 -6.93 8.92 -7.96
N MET A 394 -5.64 9.21 -7.79
CA MET A 394 -5.13 10.56 -7.58
C MET A 394 -5.38 11.42 -8.83
N GLY A 395 -5.53 10.77 -9.99
CA GLY A 395 -5.83 11.43 -11.26
C GLY A 395 -7.17 12.14 -11.28
N LEU A 396 -8.06 11.84 -10.31
CA LEU A 396 -9.35 12.54 -10.17
C LEU A 396 -9.22 13.78 -9.28
N MET A 397 -8.13 13.85 -8.51
CA MET A 397 -7.90 14.94 -7.56
C MET A 397 -7.07 16.02 -8.25
N ASP A 398 -7.38 17.29 -7.99
CA ASP A 398 -6.76 18.41 -8.68
C ASP A 398 -5.38 18.68 -8.07
N VAL A 399 -4.46 19.16 -8.91
CA VAL A 399 -3.04 19.36 -8.60
C VAL A 399 -2.88 20.36 -7.45
N GLU A 400 -3.65 21.46 -7.49
CA GLU A 400 -3.56 22.52 -6.49
C GLU A 400 -3.86 21.94 -5.10
N THR A 401 -4.96 21.19 -4.99
CA THR A 401 -5.36 20.55 -3.73
C THR A 401 -4.24 19.63 -3.22
N MET A 402 -3.71 18.78 -4.09
CA MET A 402 -2.64 17.81 -3.73
C MET A 402 -1.40 18.56 -3.21
N ASN A 403 -1.04 19.66 -3.90
CA ASN A 403 0.13 20.46 -3.53
C ASN A 403 -0.11 21.15 -2.18
N MET A 404 -1.34 21.63 -1.94
CA MET A 404 -1.69 22.27 -0.67
C MET A 404 -1.66 21.23 0.46
N ALA A 405 -2.10 20.01 0.16
CA ALA A 405 -2.08 18.90 1.12
C ALA A 405 -0.62 18.54 1.50
N ARG A 406 0.25 18.46 0.49
CA ARG A 406 1.69 18.24 0.68
C ARG A 406 2.27 19.33 1.60
N GLU A 407 1.92 20.59 1.31
CA GLU A 407 2.38 21.73 2.09
C GLU A 407 1.90 21.61 3.55
N ALA A 408 0.61 21.29 3.73
CA ALA A 408 -0.01 21.14 5.05
C ALA A 408 0.71 20.06 5.87
N LEU A 409 0.95 18.90 5.25
CA LEU A 409 1.58 17.76 5.94
C LEU A 409 3.07 18.05 6.19
N ASP A 410 3.69 18.87 5.34
CA ASP A 410 5.09 19.32 5.53
C ASP A 410 5.22 20.11 6.85
N GLN A 411 4.16 20.84 7.23
CA GLN A 411 4.15 21.66 8.46
C GLN A 411 4.25 20.73 9.69
N ILE A 412 3.72 19.52 9.57
CA ILE A 412 3.85 18.50 10.61
C ILE A 412 5.27 17.91 10.52
N ASP A 413 5.57 17.25 9.39
CA ASP A 413 6.92 16.71 9.11
C ASP A 413 7.00 16.39 7.62
N PRO A 414 7.99 16.94 6.89
CA PRO A 414 8.10 16.69 5.45
C PRO A 414 8.43 15.23 5.07
N ARG A 415 8.88 14.44 6.05
CA ARG A 415 9.18 13.01 5.87
C ARG A 415 7.90 12.18 5.77
N ILE A 416 6.75 12.77 6.11
CA ILE A 416 5.44 12.14 5.90
C ILE A 416 5.29 11.87 4.39
N THR A 417 5.05 10.60 4.04
CA THR A 417 5.09 10.16 2.65
C THR A 417 3.71 10.39 2.00
N MET A 418 3.75 10.67 0.69
CA MET A 418 2.55 10.76 -0.15
C MET A 418 2.84 10.09 -1.51
N TRP A 419 1.94 9.22 -1.94
CA TRP A 419 1.93 8.71 -3.30
C TRP A 419 0.51 8.29 -3.70
N GLY A 420 0.29 8.08 -5.00
CA GLY A 420 -1.04 7.78 -5.52
C GLY A 420 -1.00 7.23 -6.94
N GLU A 421 -2.16 6.77 -7.40
CA GLU A 421 -2.39 6.37 -8.79
C GLU A 421 -2.54 7.62 -9.65
N GLY A 422 -1.65 7.81 -10.63
CA GLY A 422 -1.68 8.97 -11.51
C GLY A 422 -2.64 8.77 -12.67
N TRP A 423 -3.85 8.27 -12.37
CA TRP A 423 -4.87 8.01 -13.37
C TRP A 423 -6.25 8.03 -12.71
N ALA A 424 -7.30 7.97 -13.55
CA ALA A 424 -8.69 7.94 -13.12
C ALA A 424 -9.32 6.61 -13.54
N GLY A 425 -10.64 6.47 -13.35
CA GLY A 425 -11.39 5.26 -13.73
C GLY A 425 -12.56 5.56 -14.65
N GLY A 426 -12.49 6.70 -15.35
CA GLY A 426 -13.55 7.14 -16.27
C GLY A 426 -13.39 8.61 -16.64
N ASP A 427 -14.28 9.10 -17.51
CA ASP A 427 -14.26 10.49 -17.95
C ASP A 427 -14.65 11.40 -16.78
N SER A 428 -13.92 12.51 -16.64
CA SER A 428 -14.11 13.48 -15.54
C SER A 428 -14.54 14.85 -16.09
N TYR A 429 -15.70 15.33 -15.62
CA TYR A 429 -16.23 16.64 -15.96
C TYR A 429 -16.06 17.56 -14.74
N HIS A 430 -15.31 18.66 -14.92
CA HIS A 430 -14.93 19.57 -13.84
C HIS A 430 -15.09 21.01 -14.32
N PRO A 431 -15.13 22.00 -13.39
CA PRO A 431 -15.09 23.40 -13.77
C PRO A 431 -13.72 23.79 -14.35
N THR A 432 -13.65 24.91 -15.07
CA THR A 432 -12.41 25.39 -15.67
C THR A 432 -11.38 25.67 -14.56
N ASN A 433 -11.83 26.39 -13.52
CA ASN A 433 -10.96 26.85 -12.44
C ASN A 433 -11.37 26.22 -11.11
N THR A 434 -10.46 26.30 -10.14
CA THR A 434 -10.67 25.83 -8.78
C THR A 434 -11.31 26.96 -7.97
N CYS A 435 -11.60 26.69 -6.69
CA CYS A 435 -12.16 27.66 -5.75
C CYS A 435 -11.18 28.83 -5.51
N SER A 436 -9.89 28.63 -5.80
CA SER A 436 -8.85 29.65 -5.65
C SER A 436 -8.74 30.53 -6.91
N GLY A 437 -9.38 30.10 -8.00
CA GLY A 437 -9.41 30.84 -9.26
C GLY A 437 -8.27 30.46 -10.20
N THR A 438 -7.54 29.41 -9.86
CA THR A 438 -6.47 28.88 -10.71
C THR A 438 -7.05 27.78 -11.60
N LYS A 439 -6.44 27.58 -12.77
CA LYS A 439 -6.87 26.57 -13.73
C LYS A 439 -6.82 25.18 -13.07
N PHE A 440 -7.87 24.39 -13.34
CA PHE A 440 -7.96 23.01 -12.85
C PHE A 440 -7.00 22.13 -13.66
N TYR A 441 -6.14 21.38 -12.95
CA TYR A 441 -5.31 20.34 -13.54
C TYR A 441 -5.47 19.07 -12.71
N PRO A 442 -5.82 17.91 -13.34
CA PRO A 442 -5.88 16.64 -12.62
C PRO A 442 -4.47 16.12 -12.33
N ALA A 443 -4.29 15.51 -11.15
CA ALA A 443 -3.00 14.99 -10.70
C ALA A 443 -2.69 13.64 -11.34
N THR A 444 -2.56 13.67 -12.67
CA THR A 444 -2.25 12.48 -13.49
C THR A 444 -0.74 12.42 -13.77
N GLN A 445 -0.30 11.30 -14.35
CA GLN A 445 1.07 11.10 -14.80
C GLN A 445 1.47 12.22 -15.79
N ALA A 446 0.53 12.60 -16.66
CA ALA A 446 0.75 13.65 -17.67
C ALA A 446 1.11 14.98 -17.01
N ASN A 447 0.64 15.22 -15.77
CA ASN A 447 0.84 16.49 -15.07
C ASN A 447 1.83 16.31 -13.89
N ALA A 448 2.77 15.36 -14.02
CA ALA A 448 3.77 15.10 -12.99
C ALA A 448 4.60 16.36 -12.72
N SER A 449 4.86 17.14 -13.78
CA SER A 449 5.67 18.34 -13.72
C SER A 449 5.03 19.39 -12.80
N ARG A 450 3.69 19.40 -12.72
CA ARG A 450 2.94 20.43 -11.97
C ARG A 450 2.77 20.02 -10.50
N LEU A 451 3.12 18.77 -10.19
CA LEU A 451 2.90 18.15 -8.88
C LEU A 451 4.21 18.15 -8.09
N SER A 452 4.11 18.34 -6.77
CA SER A 452 5.26 18.21 -5.86
C SER A 452 6.01 16.91 -6.14
N ASP A 453 7.35 16.98 -6.13
CA ASP A 453 8.20 15.83 -6.39
C ASP A 453 8.16 14.85 -5.22
N ARG A 454 7.53 15.24 -4.10
CA ARG A 454 7.33 14.35 -2.95
C ARG A 454 5.86 13.91 -2.84
N ILE A 455 5.13 13.98 -3.96
CA ILE A 455 3.90 13.21 -4.17
C ILE A 455 4.18 12.20 -5.28
N ALA A 456 4.53 10.97 -4.91
CA ALA A 456 5.00 9.98 -5.88
C ALA A 456 3.84 9.34 -6.63
N ILE A 457 4.16 8.71 -7.77
CA ILE A 457 3.20 8.20 -8.73
C ILE A 457 3.56 6.75 -9.05
N PHE A 458 2.58 5.84 -8.96
CA PHE A 458 2.77 4.43 -9.32
C PHE A 458 3.30 4.34 -10.75
N ASN A 459 4.43 3.65 -10.92
CA ASN A 459 5.08 3.50 -12.21
C ASN A 459 4.61 2.20 -12.87
N ASP A 460 3.52 2.32 -13.64
CA ASP A 460 2.95 1.19 -14.38
C ASP A 460 3.87 0.81 -15.56
N GLY A 461 4.82 1.71 -15.88
CA GLY A 461 5.87 1.46 -16.86
C GLY A 461 6.73 0.26 -16.51
N ILE A 462 7.30 0.27 -15.30
CA ILE A 462 8.16 -0.83 -14.84
C ILE A 462 7.30 -2.05 -14.46
N ARG A 463 6.09 -1.79 -13.96
CA ARG A 463 5.13 -2.85 -13.61
C ARG A 463 4.92 -3.76 -14.83
N ASP A 464 4.49 -3.16 -15.95
CA ASP A 464 4.17 -3.89 -17.19
C ASP A 464 5.46 -4.41 -17.84
N GLY A 465 6.55 -3.66 -17.69
CA GLY A 465 7.88 -4.03 -18.17
C GLY A 465 8.36 -5.35 -17.57
N ILE A 466 8.15 -5.50 -16.26
CA ILE A 466 8.68 -6.65 -15.52
C ILE A 466 7.89 -7.92 -15.86
N LYS A 467 6.55 -7.88 -15.76
CA LYS A 467 5.73 -9.11 -15.73
C LYS A 467 4.64 -9.13 -16.82
N GLY A 468 4.58 -8.09 -17.66
CA GLY A 468 3.57 -7.99 -18.72
C GLY A 468 2.38 -7.14 -18.28
N SER A 469 1.49 -6.86 -19.25
CA SER A 469 0.32 -6.01 -19.05
C SER A 469 -0.53 -6.52 -17.87
N ALA A 470 -0.84 -5.61 -16.95
CA ALA A 470 -1.67 -5.89 -15.78
C ALA A 470 -3.13 -6.15 -16.19
N MET A 471 -3.51 -5.68 -17.39
CA MET A 471 -4.87 -5.85 -17.92
C MET A 471 -5.08 -7.26 -18.47
N ASP A 472 -4.01 -8.06 -18.55
CA ASP A 472 -4.04 -9.37 -19.21
C ASP A 472 -3.05 -10.31 -18.49
N ILE A 473 -3.61 -11.23 -17.68
CA ILE A 473 -2.84 -12.14 -16.82
C ILE A 473 -1.94 -13.05 -17.67
N SER A 474 -2.30 -13.29 -18.93
CA SER A 474 -1.56 -14.19 -19.81
C SER A 474 -0.46 -13.45 -20.58
N ASP A 475 -0.42 -12.12 -20.48
CA ASP A 475 0.56 -11.32 -21.21
C ASP A 475 1.94 -11.45 -20.54
N VAL A 476 2.99 -11.49 -21.38
CA VAL A 476 4.37 -11.67 -20.91
C VAL A 476 5.08 -10.32 -20.88
N GLY A 477 5.90 -10.13 -19.84
CA GLY A 477 6.88 -9.07 -19.74
C GLY A 477 8.29 -9.63 -19.78
N PHE A 478 9.24 -8.90 -19.20
CA PHE A 478 10.66 -9.18 -19.37
C PHE A 478 11.03 -10.52 -18.74
N ILE A 479 10.60 -10.76 -17.50
CA ILE A 479 11.04 -11.95 -16.73
C ILE A 479 10.62 -13.25 -17.45
N GLN A 480 9.49 -13.23 -18.18
CA GLN A 480 8.99 -14.41 -18.91
C GLN A 480 9.69 -14.58 -20.26
N GLY A 481 10.38 -13.53 -20.75
CA GLY A 481 11.26 -13.62 -21.93
C GLY A 481 11.00 -12.60 -23.02
N SER A 482 10.16 -11.59 -22.76
CA SER A 482 9.89 -10.53 -23.74
C SER A 482 11.11 -9.61 -23.87
N LYS A 483 11.62 -9.49 -25.10
CA LYS A 483 12.73 -8.59 -25.42
C LYS A 483 12.22 -7.15 -25.58
N SER A 484 10.99 -7.01 -26.07
CA SER A 484 10.36 -5.69 -26.29
C SER A 484 10.01 -5.02 -24.94
N SER A 485 9.84 -5.82 -23.88
CA SER A 485 9.55 -5.31 -22.53
C SER A 485 10.80 -4.71 -21.86
N ALA A 486 11.99 -5.03 -22.38
CA ALA A 486 13.26 -4.64 -21.78
C ALA A 486 13.32 -3.13 -21.54
N LYS A 487 12.82 -2.33 -22.48
CA LYS A 487 12.88 -0.86 -22.39
C LYS A 487 12.05 -0.36 -21.19
N GLY A 488 10.94 -1.04 -20.89
CA GLY A 488 10.11 -0.71 -19.73
C GLY A 488 10.89 -0.86 -18.44
N VAL A 489 11.67 -1.94 -18.36
CA VAL A 489 12.52 -2.21 -17.20
C VAL A 489 13.64 -1.17 -17.15
N SER A 490 14.26 -0.90 -18.31
CA SER A 490 15.44 -0.05 -18.41
C SER A 490 15.13 1.41 -18.02
N TYR A 491 13.96 1.90 -18.44
CA TYR A 491 13.49 3.23 -18.05
C TYR A 491 13.09 3.19 -16.56
N GLY A 492 12.54 2.06 -16.12
CA GLY A 492 12.15 1.84 -14.73
C GLY A 492 13.33 1.87 -13.77
N VAL A 493 14.51 1.47 -14.26
CA VAL A 493 15.73 1.39 -13.44
C VAL A 493 16.06 2.77 -12.82
N ARG A 494 15.77 3.86 -13.56
CA ARG A 494 15.96 5.23 -13.06
C ARG A 494 14.60 5.91 -12.83
N ALA A 495 13.60 5.11 -12.40
CA ALA A 495 12.31 5.60 -11.91
C ALA A 495 11.60 6.46 -12.95
N ASN A 496 11.77 6.13 -14.24
CA ASN A 496 11.17 6.88 -15.33
C ASN A 496 11.41 8.38 -15.14
N SER A 497 12.57 8.74 -14.57
CA SER A 497 12.95 10.14 -14.35
C SER A 497 14.05 10.56 -15.32
N SER A 498 14.63 9.59 -16.04
CA SER A 498 15.65 9.84 -17.05
C SER A 498 15.09 9.47 -18.43
N GLY A 499 15.01 10.47 -19.32
CA GLY A 499 14.33 10.36 -20.60
C GLY A 499 12.83 10.21 -20.41
N THR A 500 12.12 9.89 -21.50
CA THR A 500 10.66 9.74 -21.50
C THR A 500 10.25 8.46 -22.23
N TYR A 501 9.65 7.54 -21.47
CA TYR A 501 8.94 6.38 -22.02
C TYR A 501 7.61 6.25 -21.29
N LYS A 502 6.52 6.59 -21.99
CA LYS A 502 5.12 6.56 -21.49
C LYS A 502 4.85 7.82 -20.65
N TRP A 503 5.60 7.98 -19.55
CA TRP A 503 5.48 9.15 -18.69
C TRP A 503 6.84 9.43 -18.04
N LYS A 504 6.99 10.64 -17.49
CA LYS A 504 8.23 11.08 -16.87
C LYS A 504 7.95 11.66 -15.48
N ALA A 505 8.56 11.04 -14.46
CA ALA A 505 8.63 11.54 -13.10
C ALA A 505 9.65 12.68 -13.03
N GLN A 506 9.42 13.62 -12.12
CA GLN A 506 10.33 14.76 -11.90
C GLN A 506 11.68 14.24 -11.39
N ALA A 507 11.64 13.18 -10.58
CA ALA A 507 12.80 12.61 -9.90
C ALA A 507 12.42 11.27 -9.31
N PRO A 508 13.39 10.45 -8.83
CA PRO A 508 13.07 9.18 -8.16
C PRO A 508 12.09 9.33 -6.98
N SER A 509 12.13 10.49 -6.30
CA SER A 509 11.21 10.81 -5.20
C SER A 509 9.74 10.71 -5.63
N GLN A 510 9.47 10.92 -6.93
CA GLN A 510 8.10 11.01 -7.45
C GLN A 510 7.64 9.68 -8.09
N CYS A 511 8.35 8.57 -7.79
CA CYS A 511 8.11 7.29 -8.48
C CYS A 511 7.97 6.15 -7.45
N VAL A 512 6.88 5.38 -7.58
CA VAL A 512 6.73 4.12 -6.85
C VAL A 512 7.07 2.98 -7.82
N THR A 513 8.10 2.21 -7.45
CA THR A 513 8.64 1.11 -8.24
C THR A 513 8.03 -0.21 -7.73
N TYR A 514 7.30 -0.90 -8.62
CA TYR A 514 6.54 -2.10 -8.26
C TYR A 514 6.27 -2.96 -9.49
N ASP A 515 6.00 -4.25 -9.26
CA ASP A 515 5.64 -5.22 -10.31
C ASP A 515 4.21 -5.76 -10.12
N ALA A 516 3.67 -5.67 -8.90
CA ALA A 516 2.29 -6.09 -8.61
C ALA A 516 1.76 -5.35 -7.36
N CYS A 517 0.43 -5.24 -7.27
CA CYS A 517 -0.26 -4.72 -6.09
C CYS A 517 -1.53 -5.56 -5.88
N HIS A 518 -2.43 -5.09 -4.99
CA HIS A 518 -3.67 -5.80 -4.67
C HIS A 518 -4.54 -5.94 -5.94
N ASP A 519 -4.48 -4.94 -6.82
CA ASP A 519 -5.27 -4.94 -8.05
C ASP A 519 -4.70 -5.98 -9.02
N ASN A 520 -5.58 -6.49 -9.89
CA ASN A 520 -5.19 -7.38 -10.98
C ASN A 520 -4.60 -8.65 -10.37
N ALA A 521 -3.66 -9.29 -11.09
CA ALA A 521 -3.07 -10.58 -10.68
C ALA A 521 -1.83 -10.34 -9.81
N THR A 522 -1.58 -11.28 -8.89
CA THR A 522 -0.33 -11.34 -8.14
C THR A 522 0.80 -11.65 -9.14
N LEU A 523 2.02 -11.29 -8.78
CA LEU A 523 3.20 -11.55 -9.61
C LEU A 523 3.23 -13.04 -9.98
N TYR A 524 3.18 -13.90 -8.97
CA TYR A 524 3.33 -15.33 -9.18
C TYR A 524 2.21 -15.87 -10.07
N ASP A 525 0.99 -15.34 -9.91
CA ASP A 525 -0.18 -15.80 -10.69
C ASP A 525 -0.04 -15.39 -12.16
N GLN A 526 0.53 -14.20 -12.41
CA GLN A 526 0.76 -13.74 -13.78
C GLN A 526 1.91 -14.54 -14.42
N ILE A 527 2.94 -14.86 -13.63
CA ILE A 527 4.03 -15.71 -14.10
C ILE A 527 3.42 -17.05 -14.58
N ILE A 528 2.59 -17.65 -13.73
CA ILE A 528 2.01 -18.97 -13.98
C ILE A 528 1.06 -18.94 -15.19
N ALA A 529 0.25 -17.88 -15.29
CA ALA A 529 -0.76 -17.78 -16.34
C ALA A 529 -0.10 -17.54 -17.71
N SER A 530 0.95 -16.72 -17.74
CA SER A 530 1.59 -16.27 -18.99
C SER A 530 2.52 -17.34 -19.56
N THR A 531 2.89 -18.34 -18.75
CA THR A 531 3.87 -19.37 -19.14
C THR A 531 3.22 -20.76 -19.25
N GLY A 532 2.17 -21.00 -18.47
CA GLY A 532 1.53 -22.31 -18.38
C GLY A 532 2.42 -23.35 -17.74
N LEU A 533 3.39 -22.91 -16.92
CA LEU A 533 4.41 -23.78 -16.34
C LEU A 533 3.79 -24.73 -15.31
N ALA A 534 2.70 -24.30 -14.66
CA ALA A 534 2.03 -25.09 -13.63
C ALA A 534 0.63 -24.52 -13.36
N ASP A 535 -0.05 -25.08 -12.35
CA ASP A 535 -1.30 -24.53 -11.83
C ASP A 535 -1.01 -23.32 -10.94
N TYR A 536 -2.04 -22.49 -10.73
CA TYR A 536 -1.98 -21.36 -9.81
C TYR A 536 -1.61 -21.88 -8.41
N GLY A 537 -0.63 -21.22 -7.78
CA GLY A 537 -0.27 -21.51 -6.40
C GLY A 537 0.50 -22.81 -6.24
N GLU A 538 1.02 -23.35 -7.35
CA GLU A 538 1.86 -24.55 -7.35
C GLU A 538 3.31 -24.13 -7.62
N ARG A 539 4.25 -24.67 -6.85
CA ARG A 539 5.67 -24.32 -7.02
C ARG A 539 6.18 -24.88 -8.36
N ASN A 540 6.94 -24.05 -9.09
CA ASN A 540 7.66 -24.45 -10.29
C ASN A 540 9.01 -23.73 -10.30
N SER A 541 10.08 -24.48 -10.61
CA SER A 541 11.45 -23.98 -10.49
C SER A 541 11.70 -22.80 -11.41
N GLU A 542 11.24 -22.89 -12.67
CA GLU A 542 11.44 -21.82 -13.65
C GLU A 542 10.58 -20.59 -13.28
N ALA A 543 9.35 -20.85 -12.81
CA ALA A 543 8.47 -19.80 -12.33
C ALA A 543 9.16 -19.04 -11.17
N VAL A 544 9.80 -19.79 -10.26
CA VAL A 544 10.46 -19.21 -9.08
C VAL A 544 11.68 -18.39 -9.53
N LYS A 545 12.41 -18.88 -10.54
CA LYS A 545 13.56 -18.15 -11.11
C LYS A 545 13.11 -16.76 -11.58
N MET A 546 11.99 -16.73 -12.30
CA MET A 546 11.42 -15.50 -12.83
C MET A 546 11.03 -14.58 -11.67
N ASN A 547 10.52 -15.16 -10.58
CA ASN A 547 10.11 -14.44 -9.38
C ASN A 547 11.35 -13.80 -8.74
N ARG A 548 12.47 -14.52 -8.69
CA ARG A 548 13.73 -14.01 -8.12
C ARG A 548 14.26 -12.85 -8.97
N LEU A 549 14.16 -12.99 -10.30
CA LEU A 549 14.61 -11.96 -11.24
C LEU A 549 13.84 -10.65 -11.00
N ALA A 550 12.51 -10.76 -10.82
CA ALA A 550 11.65 -9.60 -10.56
C ALA A 550 12.12 -8.87 -9.29
N SER A 551 12.43 -9.65 -8.25
CA SER A 551 13.00 -9.17 -6.99
C SER A 551 14.25 -8.33 -7.24
N ALA A 552 15.19 -8.89 -8.01
CA ALA A 552 16.45 -8.22 -8.34
C ALA A 552 16.17 -6.87 -8.99
N ILE A 553 15.20 -6.82 -9.91
CA ILE A 553 14.90 -5.60 -10.68
C ILE A 553 14.37 -4.52 -9.71
N ILE A 554 13.39 -4.88 -8.87
CA ILE A 554 12.72 -3.95 -7.97
C ILE A 554 13.74 -3.29 -7.03
N TYR A 555 14.75 -4.04 -6.58
CA TYR A 555 15.67 -3.56 -5.54
C TYR A 555 17.01 -3.08 -6.13
N THR A 556 17.16 -3.15 -7.46
CA THR A 556 18.28 -2.49 -8.16
C THR A 556 17.73 -1.36 -9.06
N SER A 557 16.48 -0.95 -8.78
CA SER A 557 15.82 0.17 -9.44
C SER A 557 15.65 1.33 -8.44
N GLN A 558 15.67 2.56 -8.96
CA GLN A 558 15.44 3.76 -8.17
C GLN A 558 13.93 3.90 -7.90
N GLY A 559 13.58 4.86 -7.05
CA GLY A 559 12.21 5.10 -6.64
C GLY A 559 11.86 4.31 -5.38
N ILE A 560 10.58 4.35 -5.01
CA ILE A 560 10.08 3.80 -3.78
C ILE A 560 9.66 2.34 -4.03
N SER A 561 10.46 1.40 -3.50
CA SER A 561 10.27 -0.03 -3.74
C SER A 561 9.03 -0.54 -2.99
N PHE A 562 8.15 -1.22 -3.74
CA PHE A 562 6.80 -1.53 -3.32
C PHE A 562 6.43 -2.94 -3.78
N THR A 563 5.82 -3.72 -2.87
CA THR A 563 5.35 -5.08 -3.17
C THR A 563 3.97 -5.30 -2.54
N LEU A 564 3.17 -6.16 -3.18
CA LEU A 564 2.02 -6.78 -2.54
C LEU A 564 2.55 -7.63 -1.38
N ALA A 565 1.90 -7.51 -0.22
CA ALA A 565 2.26 -8.34 0.93
C ALA A 565 2.23 -9.81 0.51
N GLY A 566 3.40 -10.45 0.61
CA GLY A 566 3.55 -11.87 0.34
C GLY A 566 4.09 -12.16 -1.05
N GLU A 567 4.41 -11.10 -1.82
CA GLU A 567 5.09 -11.26 -3.10
C GLU A 567 6.36 -12.08 -2.88
N GLU A 568 7.02 -11.84 -1.73
CA GLU A 568 8.29 -12.48 -1.37
C GLU A 568 8.11 -13.98 -1.05
N MET A 569 6.86 -14.44 -0.89
CA MET A 569 6.58 -15.86 -0.61
C MET A 569 5.62 -16.43 -1.67
N ALA A 570 5.67 -15.86 -2.88
CA ALA A 570 4.99 -16.39 -4.08
C ALA A 570 3.47 -16.44 -3.86
N ARG A 571 2.92 -15.33 -3.36
CA ARG A 571 1.50 -15.23 -3.02
C ARG A 571 0.66 -15.51 -4.28
N SER A 572 -0.40 -16.31 -4.09
CA SER A 572 -1.39 -16.60 -5.12
C SER A 572 -2.78 -16.21 -4.63
N LYS A 573 -3.63 -15.78 -5.57
CA LYS A 573 -5.07 -15.59 -5.38
C LYS A 573 -5.84 -16.56 -6.28
N ASP A 574 -5.19 -17.65 -6.69
CA ASP A 574 -5.82 -18.72 -7.45
C ASP A 574 -6.29 -18.19 -8.82
N GLY A 575 -5.58 -17.19 -9.35
CA GLY A 575 -5.86 -16.63 -10.68
C GLY A 575 -6.85 -15.47 -10.67
N ASP A 576 -7.35 -15.09 -9.49
CA ASP A 576 -8.33 -14.02 -9.36
C ASP A 576 -7.66 -12.67 -9.67
N THR A 577 -8.18 -11.97 -10.69
CA THR A 577 -7.61 -10.72 -11.19
C THR A 577 -8.41 -9.51 -10.69
N ASN A 578 -9.36 -9.73 -9.79
CA ASN A 578 -10.08 -8.63 -9.13
C ASN A 578 -10.79 -9.16 -7.89
N SER A 579 -10.02 -9.38 -6.82
CA SER A 579 -10.45 -10.21 -5.68
C SER A 579 -11.15 -9.37 -4.61
N TYR A 580 -11.70 -8.21 -4.99
CA TYR A 580 -12.20 -7.19 -4.05
C TYR A 580 -13.30 -7.75 -3.14
N LYS A 581 -14.17 -8.62 -3.65
CA LYS A 581 -15.23 -9.23 -2.82
C LYS A 581 -15.22 -10.76 -2.93
N SER A 582 -14.07 -11.31 -3.34
CA SER A 582 -13.89 -12.75 -3.46
C SER A 582 -13.74 -13.36 -2.07
N ALA A 583 -13.71 -14.70 -2.00
CA ALA A 583 -13.70 -15.44 -0.74
C ALA A 583 -12.56 -14.95 0.15
N ALA A 584 -12.81 -14.97 1.47
CA ALA A 584 -11.85 -14.56 2.48
C ALA A 584 -10.63 -15.48 2.47
N ASN A 585 -10.87 -16.80 2.33
CA ASN A 585 -9.79 -17.80 2.45
C ASN A 585 -8.97 -17.85 1.15
N LEU A 586 -9.55 -17.38 0.04
CA LEU A 586 -8.83 -17.17 -1.21
C LEU A 586 -7.87 -15.98 -1.05
N ASN A 587 -8.39 -14.88 -0.48
CA ASN A 587 -7.65 -13.61 -0.39
C ASN A 587 -6.56 -13.70 0.68
N MET A 588 -6.78 -14.51 1.73
CA MET A 588 -5.93 -14.48 2.92
C MET A 588 -4.52 -14.95 2.56
N ILE A 589 -3.54 -14.39 3.28
CA ILE A 589 -2.16 -14.81 3.18
C ILE A 589 -2.06 -16.24 3.71
N LYS A 590 -1.52 -17.13 2.88
CA LYS A 590 -1.27 -18.53 3.23
C LYS A 590 0.11 -18.61 3.89
N TRP A 591 0.13 -18.63 5.23
CA TRP A 591 1.37 -18.50 6.00
C TRP A 591 2.27 -19.73 5.85
N GLN A 592 1.73 -20.84 5.31
CA GLN A 592 2.51 -22.04 4.99
C GLN A 592 3.59 -21.71 3.95
N ASN A 593 3.38 -20.63 3.18
CA ASN A 593 4.29 -20.18 2.13
C ASN A 593 5.61 -19.64 2.68
N VAL A 594 5.70 -19.33 3.99
CA VAL A 594 6.98 -18.92 4.59
C VAL A 594 7.93 -20.13 4.69
N VAL A 595 7.36 -21.34 4.61
CA VAL A 595 8.14 -22.59 4.58
C VAL A 595 8.30 -23.04 3.11
N ASP A 596 7.17 -23.16 2.40
CA ASP A 596 7.14 -23.67 1.01
C ASP A 596 7.99 -22.81 0.07
N TYR A 597 8.13 -21.52 0.37
CA TYR A 597 8.95 -20.59 -0.43
C TYR A 597 9.91 -19.80 0.48
N ALA A 598 10.49 -20.45 1.49
CA ALA A 598 11.42 -19.82 2.43
C ALA A 598 12.64 -19.23 1.69
N ASP A 599 13.11 -19.96 0.68
CA ASP A 599 14.25 -19.57 -0.17
C ASP A 599 13.95 -18.24 -0.89
N VAL A 600 12.70 -18.08 -1.36
CA VAL A 600 12.31 -16.87 -2.10
C VAL A 600 12.22 -15.69 -1.12
N VAL A 601 11.68 -15.94 0.08
CA VAL A 601 11.65 -14.94 1.14
C VAL A 601 13.09 -14.45 1.38
N SER A 602 14.01 -15.42 1.46
CA SER A 602 15.42 -15.16 1.75
C SER A 602 16.07 -14.30 0.65
N TYR A 603 15.63 -14.50 -0.59
CA TYR A 603 16.15 -13.77 -1.73
C TYR A 603 15.77 -12.29 -1.61
N TYR A 604 14.46 -12.04 -1.40
CA TYR A 604 13.93 -10.69 -1.22
C TYR A 604 14.63 -10.00 -0.03
N LYS A 605 14.70 -10.73 1.08
CA LYS A 605 15.30 -10.26 2.32
C LYS A 605 16.70 -9.70 2.01
N GLY A 606 17.47 -10.45 1.21
CA GLY A 606 18.82 -10.09 0.80
C GLY A 606 18.88 -8.94 -0.19
N MET A 607 17.96 -8.94 -1.18
CA MET A 607 17.91 -7.87 -2.19
C MET A 607 17.60 -6.51 -1.50
N MET A 608 16.72 -6.55 -0.49
CA MET A 608 16.35 -5.36 0.26
C MET A 608 17.60 -4.76 0.93
N GLN A 609 18.47 -5.62 1.47
CA GLN A 609 19.71 -5.19 2.12
C GLN A 609 20.62 -4.45 1.12
N ILE A 610 20.68 -4.94 -0.12
CA ILE A 610 21.53 -4.35 -1.15
C ILE A 610 21.10 -2.90 -1.43
N LYS A 611 19.80 -2.69 -1.66
CA LYS A 611 19.28 -1.36 -1.99
C LYS A 611 19.58 -0.37 -0.86
N SER A 612 19.48 -0.83 0.40
CA SER A 612 19.59 0.06 1.55
C SER A 612 21.06 0.31 1.92
N ALA A 613 22.00 -0.38 1.25
CA ALA A 613 23.44 -0.20 1.49
C ALA A 613 24.09 0.73 0.46
N PHE A 614 23.43 0.93 -0.69
CA PHE A 614 24.03 1.58 -1.85
C PHE A 614 23.20 2.81 -2.25
N SER A 615 23.71 3.99 -1.88
CA SER A 615 22.98 5.27 -1.82
C SER A 615 22.37 5.67 -3.17
N PRO A 616 23.04 5.45 -4.32
CA PRO A 616 22.46 5.82 -5.63
C PRO A 616 21.06 5.24 -5.86
N LEU A 617 20.78 4.06 -5.31
CA LEU A 617 19.52 3.36 -5.48
C LEU A 617 18.40 4.02 -4.68
N THR A 618 18.74 4.62 -3.54
CA THR A 618 17.75 5.29 -2.65
C THR A 618 17.84 6.81 -2.77
N ALA A 619 18.41 7.32 -3.87
CA ALA A 619 18.47 8.76 -4.12
C ALA A 619 17.05 9.32 -4.32
N MET A 620 16.81 10.52 -3.77
CA MET A 620 15.55 11.26 -3.96
C MET A 620 15.60 12.06 -5.27
N ASP A 621 16.79 12.59 -5.61
CA ASP A 621 16.96 13.55 -6.72
C ASP A 621 17.66 12.86 -7.91
N ASN A 622 18.01 13.68 -8.92
CA ASN A 622 18.49 13.21 -10.23
C ASN A 622 20.03 13.22 -10.30
N SER A 623 20.70 13.36 -9.15
CA SER A 623 22.14 13.62 -9.11
C SER A 623 22.95 12.40 -9.56
N TYR A 624 22.31 11.23 -9.65
CA TYR A 624 22.98 9.99 -10.05
C TYR A 624 22.61 9.58 -11.48
N ALA A 625 21.77 10.37 -12.15
CA ALA A 625 21.23 10.04 -13.48
C ALA A 625 22.36 9.88 -14.51
N ASP A 626 23.36 10.76 -14.46
CA ASP A 626 24.46 10.77 -15.44
C ASP A 626 25.61 9.85 -14.98
N LYS A 627 25.38 9.07 -13.91
CA LYS A 627 26.37 8.16 -13.33
C LYS A 627 26.08 6.71 -13.71
N TYR A 628 25.03 6.49 -14.52
CA TYR A 628 24.70 5.18 -15.08
C TYR A 628 25.39 5.04 -16.45
N THR A 629 25.96 3.86 -16.70
CA THR A 629 26.43 3.47 -18.02
C THR A 629 25.72 2.18 -18.43
N PHE A 630 24.74 2.29 -19.33
CA PHE A 630 24.05 1.14 -19.92
C PHE A 630 24.91 0.55 -21.05
N THR A 631 25.05 -0.78 -21.05
CA THR A 631 25.81 -1.51 -22.07
C THR A 631 25.13 -1.35 -23.43
N LYS A 632 23.81 -1.53 -23.46
CA LYS A 632 23.00 -1.29 -24.66
C LYS A 632 22.19 0.00 -24.47
N LYS A 633 21.58 0.49 -25.56
CA LYS A 633 20.66 1.62 -25.48
C LYS A 633 19.57 1.26 -24.46
N VAL A 634 19.05 2.26 -23.75
CA VAL A 634 18.03 2.05 -22.74
C VAL A 634 16.79 1.43 -23.42
N SER A 635 16.49 1.89 -24.63
CA SER A 635 15.29 1.49 -25.38
C SER A 635 15.50 0.18 -26.16
N ALA A 636 16.64 -0.49 -25.96
CA ALA A 636 17.01 -1.65 -26.77
C ALA A 636 16.04 -2.80 -26.52
N SER A 637 15.83 -3.59 -27.57
CA SER A 637 15.18 -4.89 -27.52
C SER A 637 16.26 -5.95 -27.25
N THR A 638 16.27 -6.53 -26.05
CA THR A 638 17.39 -7.37 -25.60
C THR A 638 16.94 -8.42 -24.58
N ASN A 639 17.69 -9.52 -24.52
CA ASN A 639 17.52 -10.58 -23.53
C ASN A 639 18.38 -10.28 -22.29
N GLN A 640 19.38 -9.41 -22.43
CA GLN A 640 20.27 -9.05 -21.34
C GLN A 640 20.35 -7.52 -21.21
N ILE A 641 19.84 -7.01 -20.08
CA ILE A 641 20.01 -5.63 -19.65
C ILE A 641 21.21 -5.59 -18.69
N SER A 642 22.13 -4.65 -18.91
CA SER A 642 23.23 -4.43 -17.96
C SER A 642 23.55 -2.93 -17.86
N PHE A 643 23.99 -2.52 -16.67
CA PHE A 643 24.41 -1.15 -16.41
C PHE A 643 25.34 -1.13 -15.20
N THR A 644 26.18 -0.09 -15.15
CA THR A 644 27.01 0.25 -13.98
C THR A 644 26.53 1.58 -13.39
N ILE A 645 26.73 1.73 -12.08
CA ILE A 645 26.37 2.95 -11.35
C ILE A 645 27.61 3.41 -10.57
N GLN A 646 28.07 4.62 -10.88
CA GLN A 646 29.14 5.28 -10.14
C GLN A 646 28.55 5.96 -8.90
N ASN A 647 29.09 5.61 -7.72
CA ASN A 647 28.70 6.14 -6.43
C ASN A 647 29.71 7.23 -6.03
N ASP A 648 29.30 8.09 -5.09
CA ASP A 648 30.11 9.20 -4.60
C ASP A 648 30.07 9.29 -3.06
N VAL A 649 29.49 8.28 -2.39
CA VAL A 649 29.37 8.29 -0.92
C VAL A 649 30.56 7.52 -0.33
N GLU A 650 31.33 8.21 0.51
CA GLU A 650 32.51 7.66 1.17
C GLU A 650 32.07 6.63 2.22
N GLY A 651 32.73 5.46 2.21
CA GLY A 651 32.40 4.35 3.10
C GLY A 651 31.36 3.41 2.51
N GLU A 652 30.95 3.66 1.26
CA GLU A 652 30.08 2.76 0.48
C GLU A 652 30.88 2.17 -0.68
N TRP A 653 30.26 1.20 -1.37
CA TRP A 653 30.82 0.66 -2.60
C TRP A 653 30.97 1.81 -3.62
N ASN A 654 32.02 1.73 -4.44
CA ASN A 654 32.38 2.78 -5.39
C ASN A 654 31.53 2.66 -6.66
N LYS A 655 31.36 1.43 -7.14
CA LYS A 655 30.63 1.17 -8.37
C LYS A 655 29.89 -0.17 -8.24
N MET A 656 28.64 -0.20 -8.74
CA MET A 656 27.83 -1.41 -8.83
C MET A 656 27.59 -1.76 -10.30
N ALA A 657 27.62 -3.07 -10.61
CA ALA A 657 27.21 -3.62 -11.90
C ALA A 657 25.96 -4.46 -11.69
N VAL A 658 24.98 -4.30 -12.57
CA VAL A 658 23.69 -4.99 -12.49
C VAL A 658 23.39 -5.61 -13.87
N ILE A 659 23.02 -6.89 -13.88
CA ILE A 659 22.69 -7.61 -15.12
C ILE A 659 21.40 -8.41 -14.92
N TYR A 660 20.45 -8.24 -15.85
CA TYR A 660 19.24 -9.07 -15.92
C TYR A 660 19.32 -9.94 -17.18
N ASN A 661 19.22 -11.26 -17.01
CA ASN A 661 19.20 -12.21 -18.13
C ASN A 661 17.88 -12.98 -18.12
N ASN A 662 17.04 -12.72 -19.12
CA ASN A 662 15.71 -13.34 -19.26
C ASN A 662 15.75 -14.49 -20.26
N ALA A 663 16.95 -14.84 -20.75
CA ALA A 663 17.11 -15.93 -21.71
C ALA A 663 16.96 -17.28 -20.98
N THR A 664 16.67 -18.32 -21.76
CA THR A 664 16.49 -19.69 -21.27
C THR A 664 17.85 -20.40 -21.14
N THR A 665 18.93 -19.73 -21.57
CA THR A 665 20.29 -20.24 -21.47
C THR A 665 21.18 -19.22 -20.73
N ALA A 666 22.31 -19.71 -20.21
CA ALA A 666 23.35 -18.84 -19.67
C ALA A 666 23.79 -17.86 -20.78
N ALA A 667 24.22 -16.67 -20.36
CA ALA A 667 24.69 -15.65 -21.29
C ALA A 667 25.93 -14.98 -20.68
N ASP A 668 26.96 -14.79 -21.53
CA ASP A 668 28.16 -14.04 -21.18
C ASP A 668 27.94 -12.57 -21.56
N VAL A 669 27.86 -11.71 -20.53
CA VAL A 669 27.59 -10.30 -20.72
C VAL A 669 28.89 -9.52 -20.44
N THR A 670 29.27 -8.69 -21.41
CA THR A 670 30.44 -7.83 -21.31
C THR A 670 29.97 -6.37 -21.19
N LEU A 671 30.31 -5.74 -20.04
CA LEU A 671 29.95 -4.36 -19.74
C LEU A 671 30.67 -3.42 -20.70
N SER A 672 30.00 -2.35 -21.12
CA SER A 672 30.63 -1.31 -21.95
C SER A 672 31.52 -0.42 -21.07
N ASP A 673 31.16 -0.33 -19.78
CA ASP A 673 31.98 0.35 -18.77
C ASP A 673 33.08 -0.60 -18.30
N THR A 674 34.32 -0.30 -18.70
CA THR A 674 35.48 -1.13 -18.40
C THR A 674 36.39 -0.44 -17.38
N SER A 675 35.84 0.49 -16.59
CA SER A 675 36.62 1.28 -15.64
C SER A 675 36.95 0.44 -14.40
N VAL A 676 36.16 -0.60 -14.13
CA VAL A 676 36.40 -1.54 -13.03
C VAL A 676 36.53 -2.94 -13.64
N THR A 677 37.59 -3.66 -13.23
CA THR A 677 37.90 -4.99 -13.74
C THR A 677 38.13 -6.00 -12.59
N ASP A 678 37.91 -5.59 -11.34
CA ASP A 678 37.91 -6.51 -10.20
C ASP A 678 36.58 -6.36 -9.46
N TRP A 679 35.79 -7.45 -9.44
CA TRP A 679 34.39 -7.44 -8.96
C TRP A 679 34.21 -8.45 -7.83
N VAL A 680 33.26 -8.14 -6.93
CA VAL A 680 32.74 -9.06 -5.93
C VAL A 680 31.22 -9.21 -6.17
N VAL A 681 30.78 -10.45 -6.39
CA VAL A 681 29.38 -10.77 -6.65
C VAL A 681 28.66 -10.87 -5.30
N ILE A 682 27.50 -10.18 -5.18
CA ILE A 682 26.73 -10.12 -3.93
C ILE A 682 25.28 -10.57 -4.15
N ALA A 683 24.87 -10.77 -5.41
CA ALA A 683 23.62 -11.48 -5.72
C ALA A 683 23.76 -12.23 -7.07
N ASN A 684 23.22 -13.44 -7.10
CA ASN A 684 23.21 -14.30 -8.28
C ASN A 684 21.85 -15.01 -8.32
N GLY A 685 21.75 -16.12 -9.05
CA GLY A 685 20.49 -16.87 -9.18
C GLY A 685 20.09 -17.63 -7.92
N GLU A 686 21.04 -17.77 -6.99
CA GLU A 686 20.91 -18.65 -5.84
C GLU A 686 20.57 -17.83 -4.57
N THR A 687 21.24 -16.69 -4.40
CA THR A 687 21.09 -15.89 -3.18
C THR A 687 21.41 -14.42 -3.46
N ALA A 688 21.01 -13.56 -2.52
CA ALA A 688 21.28 -12.13 -2.52
C ALA A 688 21.55 -11.68 -1.08
N GLY A 689 22.40 -10.68 -0.92
CA GLY A 689 22.82 -10.22 0.38
C GLY A 689 24.03 -9.32 0.31
N LEU A 690 24.77 -9.23 1.43
CA LEU A 690 25.90 -8.32 1.60
C LEU A 690 27.24 -9.09 1.62
N ASP A 691 27.18 -10.43 1.53
CA ASP A 691 28.37 -11.28 1.54
C ASP A 691 28.83 -11.51 0.09
N SER A 692 30.15 -11.66 -0.06
CA SER A 692 30.77 -12.06 -1.32
C SER A 692 30.31 -13.47 -1.70
N LEU A 693 29.91 -13.65 -2.97
CA LEU A 693 29.52 -14.97 -3.50
C LEU A 693 30.59 -15.49 -4.48
N GLY A 694 31.71 -14.79 -4.58
CA GLY A 694 32.77 -15.09 -5.53
C GLY A 694 33.18 -13.83 -6.27
N GLU A 695 34.29 -13.91 -7.00
CA GLU A 695 34.87 -12.72 -7.63
C GLU A 695 34.89 -12.92 -9.14
N VAL A 696 34.97 -11.79 -9.86
CA VAL A 696 35.08 -11.75 -11.30
C VAL A 696 36.21 -10.77 -11.66
N THR A 697 37.11 -11.24 -12.52
CA THR A 697 38.17 -10.42 -13.09
C THR A 697 37.77 -10.07 -14.53
N GLY A 698 37.90 -8.79 -14.88
CA GLY A 698 37.60 -8.29 -16.23
C GLY A 698 36.22 -7.65 -16.28
N SER A 699 35.65 -7.62 -17.49
CA SER A 699 34.41 -6.91 -17.78
C SER A 699 33.28 -7.85 -18.19
N THR A 700 33.53 -9.17 -18.14
CA THR A 700 32.58 -10.18 -18.64
C THR A 700 32.08 -11.08 -17.51
N PHE A 701 30.75 -11.25 -17.46
CA PHE A 701 30.06 -12.06 -16.44
C PHE A 701 29.26 -13.17 -17.13
N THR A 702 29.33 -14.38 -16.57
CA THR A 702 28.42 -15.47 -16.94
C THR A 702 27.16 -15.37 -16.08
N VAL A 703 26.03 -15.09 -16.73
CA VAL A 703 24.74 -14.94 -16.05
C VAL A 703 23.89 -16.16 -16.38
N PRO A 704 23.55 -17.02 -15.39
CA PRO A 704 22.67 -18.16 -15.64
C PRO A 704 21.33 -17.74 -16.24
N ALA A 705 20.63 -18.67 -16.88
CA ALA A 705 19.32 -18.44 -17.47
C ALA A 705 18.39 -17.83 -16.41
N ARG A 706 17.58 -16.86 -16.83
CA ARG A 706 16.47 -16.32 -16.04
C ARG A 706 16.97 -15.94 -14.64
N SER A 707 17.98 -15.07 -14.58
CA SER A 707 18.60 -14.70 -13.32
C SER A 707 19.33 -13.36 -13.46
N ALA A 708 19.74 -12.82 -12.31
CA ALA A 708 20.43 -11.55 -12.23
C ALA A 708 21.82 -11.75 -11.64
N ILE A 709 22.73 -10.84 -12.00
CA ILE A 709 23.99 -10.65 -11.28
C ILE A 709 24.03 -9.21 -10.77
N VAL A 710 24.34 -9.07 -9.48
CA VAL A 710 24.71 -7.81 -8.86
C VAL A 710 26.13 -7.96 -8.32
N ALA A 711 27.03 -7.10 -8.81
CA ALA A 711 28.42 -7.08 -8.40
C ALA A 711 28.84 -5.66 -8.03
N VAL A 712 29.83 -5.55 -7.14
CA VAL A 712 30.40 -4.28 -6.74
C VAL A 712 31.92 -4.37 -6.87
N ASP A 713 32.58 -3.20 -6.98
CA ASP A 713 34.02 -3.12 -7.16
C ASP A 713 34.72 -3.74 -5.94
N LYS A 714 35.77 -4.52 -6.23
CA LYS A 714 36.54 -5.26 -5.24
C LYS A 714 37.08 -4.30 -4.17
N ALA A 715 37.76 -3.24 -4.61
CA ALA A 715 38.38 -2.25 -3.72
C ALA A 715 37.34 -1.68 -2.74
N GLY A 716 36.19 -1.28 -3.29
CA GLY A 716 35.08 -0.72 -2.52
C GLY A 716 34.49 -1.70 -1.53
N TYR A 717 34.34 -2.97 -1.95
CA TYR A 717 33.81 -4.02 -1.08
C TYR A 717 34.70 -4.20 0.14
N GLU A 718 36.03 -4.15 -0.08
CA GLU A 718 37.01 -4.36 0.99
C GLU A 718 36.99 -3.17 1.95
N SER A 719 36.98 -1.94 1.40
CA SER A 719 37.15 -0.72 2.18
C SER A 719 35.90 -0.40 3.01
N ALA A 720 34.71 -0.64 2.43
CA ALA A 720 33.44 -0.23 3.04
C ALA A 720 33.15 -1.08 4.29
N GLY A 721 33.56 -2.34 4.26
CA GLY A 721 33.38 -3.28 5.38
C GLY A 721 31.92 -3.65 5.58
N ILE A 722 31.12 -3.56 4.52
CA ILE A 722 29.70 -3.95 4.54
C ILE A 722 29.64 -5.48 4.39
N HIS A 723 28.97 -6.13 5.34
CA HIS A 723 28.91 -7.58 5.43
C HIS A 723 27.58 -8.00 6.08
N SER A 724 27.18 -9.25 5.84
CA SER A 724 25.91 -9.79 6.36
C SER A 724 26.09 -10.21 7.82
N SER A 725 25.05 -9.96 8.62
CA SER A 725 24.92 -10.50 9.97
C SER A 725 23.96 -11.69 10.00
N LYS A 726 23.47 -12.11 8.82
CA LYS A 726 22.50 -13.20 8.68
C LYS A 726 23.22 -14.54 8.52
N GLY A 727 22.61 -15.60 9.06
CA GLY A 727 23.06 -16.98 8.87
C GLY A 727 22.46 -17.57 7.61
N LYS A 728 23.03 -18.69 7.13
CA LYS A 728 22.58 -19.36 5.92
C LYS A 728 22.35 -20.85 6.19
N VAL A 729 21.35 -21.41 5.49
CA VAL A 729 21.12 -22.84 5.42
C VAL A 729 20.98 -23.20 3.94
N LYS A 730 21.80 -24.16 3.49
CA LYS A 730 21.77 -24.66 2.13
C LYS A 730 21.04 -26.00 2.14
N VAL A 731 20.07 -26.13 1.22
CA VAL A 731 19.24 -27.32 1.11
C VAL A 731 19.57 -28.00 -0.23
N ASN A 732 19.97 -29.28 -0.15
CA ASN A 732 20.34 -30.08 -1.32
C ASN A 732 19.36 -31.25 -1.47
N TYR A 733 19.17 -31.70 -2.71
CA TYR A 733 18.29 -32.81 -3.06
C TYR A 733 19.06 -33.80 -3.92
N VAL A 734 19.44 -34.94 -3.32
CA VAL A 734 20.42 -35.84 -3.88
C VAL A 734 19.81 -37.23 -4.04
N TYR A 735 20.06 -37.85 -5.20
CA TYR A 735 19.76 -39.26 -5.43
C TYR A 735 20.82 -40.10 -4.71
N GLU A 736 20.40 -40.79 -3.64
CA GLU A 736 21.31 -41.38 -2.67
C GLU A 736 22.28 -42.35 -3.34
N ALA A 737 21.82 -43.08 -4.37
CA ALA A 737 22.58 -44.18 -4.99
C ALA A 737 23.79 -43.65 -5.77
N THR A 738 23.63 -42.50 -6.45
CA THR A 738 24.67 -41.96 -7.33
C THR A 738 25.36 -40.75 -6.68
N GLY A 739 24.61 -39.96 -5.90
CA GLY A 739 25.09 -38.71 -5.31
C GLY A 739 24.82 -37.52 -6.21
N GLU A 740 24.08 -37.75 -7.30
CA GLU A 740 23.69 -36.70 -8.25
C GLU A 740 22.55 -35.87 -7.63
N LYS A 741 22.54 -34.57 -7.94
CA LYS A 741 21.45 -33.71 -7.52
C LYS A 741 20.25 -33.98 -8.45
N LEU A 742 19.07 -34.07 -7.85
CA LEU A 742 17.80 -34.23 -8.58
C LEU A 742 17.20 -32.87 -8.89
N GLU A 743 17.66 -31.83 -8.17
CA GLU A 743 17.13 -30.48 -8.27
C GLU A 743 18.20 -29.52 -7.73
N ASP A 744 18.27 -28.32 -8.32
CA ASP A 744 19.15 -27.25 -7.85
C ASP A 744 18.98 -27.06 -6.34
N SER A 745 20.11 -26.90 -5.63
CA SER A 745 20.13 -26.56 -4.22
C SER A 745 19.55 -25.15 -4.05
N VAL A 746 18.98 -24.87 -2.86
CA VAL A 746 18.46 -23.52 -2.54
C VAL A 746 19.11 -23.01 -1.25
N ILE A 747 19.03 -21.69 -1.06
CA ILE A 747 19.62 -21.01 0.08
C ILE A 747 18.53 -20.30 0.88
N LEU A 748 18.41 -20.69 2.16
CA LEU A 748 17.69 -19.93 3.18
C LEU A 748 18.69 -19.01 3.88
N GLN A 749 18.21 -17.85 4.33
CA GLN A 749 19.02 -16.82 4.95
C GLN A 749 18.16 -16.04 5.95
N GLY A 750 18.62 -15.95 7.20
CA GLY A 750 17.87 -15.28 8.28
C GLY A 750 18.76 -14.94 9.47
N SER A 751 18.17 -14.20 10.43
CA SER A 751 18.88 -13.72 11.62
C SER A 751 19.41 -14.92 12.43
N VAL A 752 20.56 -14.72 13.06
CA VAL A 752 21.20 -15.74 13.89
C VAL A 752 20.33 -15.96 15.14
N GLY A 753 20.00 -17.22 15.41
CA GLY A 753 19.15 -17.59 16.55
C GLY A 753 17.68 -17.69 16.19
N SER A 754 17.31 -17.16 15.02
CA SER A 754 15.94 -17.26 14.52
C SER A 754 15.74 -18.67 13.93
N GLY A 755 14.47 -19.11 13.94
CA GLY A 755 14.10 -20.45 13.54
C GLY A 755 13.89 -20.56 12.05
N TYR A 756 14.28 -21.70 11.47
CA TYR A 756 14.05 -22.03 10.08
C TYR A 756 13.45 -23.45 9.99
N VAL A 757 12.71 -23.69 8.91
CA VAL A 757 12.18 -24.99 8.56
C VAL A 757 12.41 -25.20 7.06
N THR A 758 13.19 -26.24 6.71
CA THR A 758 13.36 -26.70 5.35
C THR A 758 12.32 -27.79 5.06
N VAL A 759 12.07 -28.05 3.79
CA VAL A 759 11.17 -29.13 3.33
C VAL A 759 11.80 -29.81 2.11
N PRO A 760 11.42 -31.08 1.81
CA PRO A 760 11.80 -31.71 0.55
C PRO A 760 11.26 -30.91 -0.65
N SER A 761 11.97 -30.94 -1.78
CA SER A 761 11.61 -30.16 -2.96
C SER A 761 10.25 -30.62 -3.49
N ALA A 762 9.35 -29.66 -3.72
CA ALA A 762 7.99 -29.92 -4.17
C ALA A 762 7.95 -30.32 -5.64
N VAL A 763 9.02 -30.03 -6.40
CA VAL A 763 9.02 -30.18 -7.85
C VAL A 763 9.65 -31.52 -8.27
N ILE A 764 10.32 -32.21 -7.34
CA ILE A 764 10.99 -33.47 -7.67
C ILE A 764 9.92 -34.50 -8.06
N PRO A 765 10.11 -35.24 -9.19
CA PRO A 765 9.14 -36.24 -9.63
C PRO A 765 8.67 -37.19 -8.53
N ASP A 766 7.42 -37.66 -8.65
CA ASP A 766 6.76 -38.49 -7.65
C ASP A 766 7.29 -39.93 -7.68
N THR A 767 8.22 -40.22 -8.60
CA THR A 767 8.89 -41.52 -8.67
C THR A 767 10.14 -41.54 -7.78
N TYR A 768 10.36 -40.46 -7.02
CA TYR A 768 11.36 -40.39 -5.97
C TYR A 768 10.70 -40.05 -4.63
N ILE A 769 11.24 -40.60 -3.54
CA ILE A 769 10.78 -40.36 -2.17
C ILE A 769 12.01 -40.16 -1.28
N VAL A 770 11.87 -39.35 -0.22
CA VAL A 770 12.94 -39.11 0.73
C VAL A 770 13.18 -40.39 1.53
N SER A 771 14.42 -40.88 1.51
CA SER A 771 14.82 -42.10 2.22
C SER A 771 15.55 -41.75 3.53
N ARG A 772 16.25 -40.62 3.56
CA ARG A 772 16.86 -40.09 4.79
C ARG A 772 17.27 -38.63 4.59
N ILE A 773 17.54 -37.96 5.72
CA ILE A 773 17.91 -36.57 5.76
C ILE A 773 19.27 -36.46 6.47
N GLY A 774 20.19 -35.70 5.88
CA GLY A 774 21.42 -35.29 6.52
C GLY A 774 21.34 -33.83 6.96
N GLY A 775 21.80 -33.55 8.19
CA GLY A 775 21.71 -32.22 8.78
C GLY A 775 20.39 -32.02 9.50
N ASN A 776 20.06 -30.77 9.80
CA ASN A 776 18.89 -30.42 10.58
C ASN A 776 17.84 -29.77 9.67
N ALA A 777 16.84 -30.57 9.28
CA ALA A 777 15.70 -30.13 8.48
C ALA A 777 15.13 -28.82 9.07
N GLU A 778 15.08 -28.75 10.40
CA GLU A 778 14.66 -27.55 11.12
C GLU A 778 15.57 -27.31 12.32
N GLY A 779 15.75 -26.03 12.65
CA GLY A 779 16.64 -25.59 13.71
C GLY A 779 16.74 -24.07 13.71
N LYS A 780 17.90 -23.57 14.15
CA LYS A 780 18.15 -22.14 14.26
C LYS A 780 19.40 -21.78 13.47
N TYR A 781 19.37 -20.59 12.84
CA TYR A 781 20.49 -20.09 12.06
C TYR A 781 21.71 -19.88 12.95
N THR A 782 22.88 -20.14 12.38
CA THR A 782 24.16 -19.86 13.00
C THR A 782 24.99 -18.98 12.05
N SER A 783 26.06 -18.41 12.58
CA SER A 783 27.03 -17.63 11.81
C SER A 783 27.57 -18.47 10.65
N ASP A 784 28.01 -19.69 10.99
CA ASP A 784 28.41 -20.72 10.02
C ASP A 784 27.19 -21.13 9.18
N MET A 785 27.43 -21.40 7.90
CA MET A 785 26.41 -21.96 7.03
C MET A 785 26.20 -23.43 7.41
N GLN A 786 24.94 -23.82 7.55
CA GLN A 786 24.55 -25.20 7.79
C GLN A 786 24.03 -25.78 6.46
N GLU A 787 24.15 -27.10 6.30
CA GLU A 787 23.64 -27.77 5.12
C GLU A 787 22.63 -28.85 5.55
N VAL A 788 21.56 -28.97 4.76
CA VAL A 788 20.60 -30.05 4.87
C VAL A 788 20.53 -30.73 3.50
N THR A 789 20.68 -32.06 3.48
CA THR A 789 20.53 -32.84 2.27
C THR A 789 19.36 -33.81 2.44
N TYR A 790 18.37 -33.68 1.55
CA TYR A 790 17.31 -34.66 1.40
C TYR A 790 17.82 -35.73 0.42
N TYR A 791 17.99 -36.95 0.94
CA TYR A 791 18.42 -38.10 0.15
C TYR A 791 17.19 -38.84 -0.37
N TYR A 792 17.23 -39.18 -1.67
CA TYR A 792 16.09 -39.76 -2.37
C TYR A 792 16.41 -41.19 -2.82
N THR A 793 15.36 -42.00 -2.94
CA THR A 793 15.42 -43.37 -3.44
C THR A 793 14.27 -43.57 -4.42
N ASP A 794 14.30 -44.70 -5.15
CA ASP A 794 13.28 -45.04 -6.14
C ASP A 794 11.96 -45.36 -5.42
N TYR A 795 10.86 -44.85 -5.98
CA TYR A 795 9.53 -44.97 -5.40
C TYR A 795 8.49 -45.05 -6.53
N ILE A 796 7.39 -45.77 -6.27
CA ILE A 796 6.22 -45.78 -7.12
C ILE A 796 5.03 -45.31 -6.27
N PRO A 797 4.37 -44.18 -6.62
CA PRO A 797 3.18 -43.73 -5.89
C PRO A 797 2.14 -44.84 -5.70
N GLU A 798 1.64 -44.98 -4.47
CA GLU A 798 0.70 -46.04 -4.07
C GLU A 798 -0.75 -45.55 -4.22
N SER A 799 -1.69 -46.42 -3.85
CA SER A 799 -3.13 -46.11 -3.87
C SER A 799 -3.46 -45.09 -2.78
C2 BGC B . -8.08 0.66 -6.04
C3 BGC B . -8.99 -0.35 -6.73
C4 BGC B . -10.44 0.12 -6.59
C5 BGC B . -10.56 1.54 -7.17
C6 BGC B . -11.96 2.13 -7.01
C1 BGC B . -8.28 2.04 -6.65
O1 BGC B . -7.46 2.98 -5.96
O2 BGC B . -6.69 0.29 -6.17
O3 BGC B . -8.80 -1.65 -6.17
O4 BGC B . -11.33 -0.73 -7.29
O5 BGC B . -9.64 2.42 -6.54
O6 BGC B . -12.06 3.36 -7.76
C1 GLC B . -11.87 -1.78 -6.46
C2 GLC B . -12.29 -2.92 -7.39
C3 GLC B . -13.49 -2.50 -8.21
C4 GLC B . -14.65 -2.07 -7.31
C5 GLC B . -14.14 -0.96 -6.37
C6 GLC B . -15.21 -0.48 -5.38
O2 GLC B . -11.19 -3.28 -8.27
O3 GLC B . -13.90 -3.58 -9.05
O4 GLC B . -15.71 -1.58 -8.14
O5 GLC B . -12.98 -1.39 -5.65
O6 GLC B . -15.48 -1.45 -4.37
C1 GLC B . -16.91 -2.40 -8.10
C2 GLC B . -17.68 -2.26 -9.41
C3 GLC B . -18.20 -0.84 -9.55
C4 GLC B . -19.19 -0.59 -8.42
C5 GLC B . -18.47 -0.80 -7.09
C6 GLC B . -19.41 -0.62 -5.89
O2 GLC B . -16.83 -2.57 -10.51
O3 GLC B . -18.84 -0.66 -10.81
O4 GLC B . -19.68 0.76 -8.48
O5 GLC B . -17.81 -2.09 -7.03
O6 GLC B . -20.56 -1.46 -6.00
C1 GOL C . -18.65 -9.08 12.16
O1 GOL C . -17.99 -10.27 11.72
C2 GOL C . -17.64 -8.00 12.55
O2 GOL C . -18.10 -6.74 12.03
C3 GOL C . -17.49 -7.91 14.08
O3 GOL C . -16.56 -6.90 14.49
C ACT D . -3.34 1.10 -15.40
O ACT D . -3.64 0.26 -14.50
OXT ACT D . -2.17 1.25 -15.80
CH3 ACT D . -4.42 1.96 -16.01
C1 GOL E . -12.51 18.78 13.13
O1 GOL E . -13.55 19.54 12.49
C2 GOL E . -12.41 17.37 12.53
O2 GOL E . -12.33 16.42 13.60
C3 GOL E . -11.19 17.20 11.61
O3 GOL E . -11.59 16.96 10.25
C ACT F . 12.88 -25.89 0.33
O ACT F . 13.29 -25.66 1.50
OXT ACT F . 12.73 -27.04 -0.17
CH3 ACT F . 12.54 -24.72 -0.56
C1 GOL G . 18.28 -21.58 -9.26
O1 GOL G . 17.84 -22.66 -10.07
C2 GOL G . 18.85 -22.12 -7.95
O2 GOL G . 20.26 -21.85 -7.92
C3 GOL G . 18.18 -21.45 -6.76
O3 GOL G . 18.83 -21.83 -5.55
C1 GOL H . 35.75 3.60 -10.97
O1 GOL H . 34.51 3.53 -11.68
C2 GOL H . 35.49 3.52 -9.46
O2 GOL H . 35.88 2.23 -8.97
C3 GOL H . 36.26 4.60 -8.70
O3 GOL H . 35.34 5.60 -8.23
C ACT I . 23.46 5.77 -21.03
O ACT I . 23.03 6.37 -20.03
OXT ACT I . 22.71 5.41 -21.96
CH3 ACT I . 24.93 5.47 -21.13
C1 GOL J . 16.81 -8.68 13.18
O1 GOL J . 16.82 -8.78 11.75
C2 GOL J . 15.37 -8.49 13.66
O2 GOL J . 14.75 -9.78 13.81
C3 GOL J . 15.33 -7.74 14.98
O3 GOL J . 14.02 -7.20 15.20
C ACT K . -3.11 -22.13 -15.82
O ACT K . -3.45 -22.23 -14.62
OXT ACT K . -3.84 -21.57 -16.67
CH3 ACT K . -1.78 -22.67 -16.26
C1 GOL L . 11.61 -17.34 15.49
O1 GOL L . 12.97 -16.89 15.56
C2 GOL L . 11.46 -18.80 15.88
O2 GOL L . 10.18 -18.99 16.49
C3 GOL L . 12.55 -19.24 16.87
O3 GOL L . 12.43 -20.65 17.09
C1 GOL M . 11.57 -18.44 6.94
O1 GOL M . 10.50 -17.87 6.17
C2 GOL M . 12.56 -17.35 7.37
O2 GOL M . 13.80 -17.93 7.85
C3 GOL M . 12.86 -16.45 6.19
O3 GOL M . 12.32 -15.15 6.47
C1 GOL N . -6.26 5.59 -21.78
O1 GOL N . -7.35 4.84 -22.34
C2 GOL N . -6.77 6.92 -21.25
O2 GOL N . -7.36 6.68 -19.97
C3 GOL N . -5.70 8.01 -21.09
O3 GOL N . -4.38 7.44 -21.01
C1 GOL O . -26.08 -5.51 20.52
O1 GOL O . -25.15 -6.02 21.48
C2 GOL O . -26.63 -6.65 19.65
O2 GOL O . -27.41 -6.12 18.59
C3 GOL O . -25.47 -7.46 19.07
O3 GOL O . -25.22 -8.62 19.87
C ACT P . 8.02 14.30 14.42
O ACT P . 6.85 14.75 14.52
OXT ACT P . 8.24 13.11 14.10
CH3 ACT P . 9.17 15.23 14.69
C ACT Q . -35.78 11.23 13.84
O ACT Q . -36.42 11.58 14.86
OXT ACT Q . -36.09 11.60 12.68
CH3 ACT Q . -34.58 10.36 14.00
C1 GOL R . -0.40 -27.87 -16.56
O1 GOL R . -0.04 -27.23 -15.34
C2 GOL R . 0.50 -27.41 -17.71
O2 GOL R . 0.93 -28.54 -18.46
C3 GOL R . -0.22 -26.43 -18.63
O3 GOL R . -0.83 -25.35 -17.91
C ACT S . 18.16 -41.33 -11.63
O ACT S . 18.65 -40.88 -10.57
OXT ACT S . 18.40 -40.78 -12.73
CH3 ACT S . 17.27 -42.53 -11.58
C ACT T . 34.09 -6.88 4.49
O ACT T . 33.00 -7.46 4.26
OXT ACT T . 34.59 -6.07 3.66
CH3 ACT T . 34.82 -7.14 5.77
C1 GOL U . 14.90 -1.44 3.04
O1 GOL U . 14.12 -2.63 3.08
C2 GOL U . 14.72 -0.63 1.76
O2 GOL U . 15.71 0.41 1.73
C3 GOL U . 14.89 -1.49 0.50
O3 GOL U . 14.40 -0.72 -0.61
CA CA V . -18.33 -0.25 7.70
NA NA W . -11.43 -13.43 14.42
#